data_5OSY
#
_entry.id   5OSY
#
_cell.length_a   57.904
_cell.length_b   84.549
_cell.length_c   126.160
_cell.angle_alpha   90.00
_cell.angle_beta   90.00
_cell.angle_gamma   90.00
#
_symmetry.space_group_name_H-M   'P 21 21 21'
#
loop_
_entity.id
_entity.type
_entity.pdbx_description
1 polymer 'm7GpppX diphosphatase'
2 non-polymer '[(2~{S},3~{S},4~{R},5~{R})-5-(2-azanyl-7-methyl-6-oxidanylidene-1~{H}-purin-7-ium-9-yl)-3,4-bis(oxidanyl)oxolan-2-yl]methylsulfanyl-[[[(2~{S},3~{S},4~{R},5~{R})-5-(2-azanyl-6-oxidanylidene-3~{H}-purin-9-yl)-3,4-bis(oxidanyl)oxolan-2-yl]methylsulfanyl-oxidanyl-phosphoryl]oxy-sulfanyl-phosphoryl]oxy-phosphinic acid'
3 non-polymer GLYCEROL
4 water water
#
_entity_poly.entity_id   1
_entity_poly.type   'polypeptide(L)'
_entity_poly.pdbx_seq_one_letter_code
;SAPVRLPFSGFRLQKVLRESARDKIIFLHGKVNEASGDGDGEDAVVILEKTPFQVEQVAQLLTGSPELQLQFSNDIYSTY
HLFPPRQLNDVKTTVVYPATEKHLQKYLRQDLRLIRETGDDYRNITLPHLESQSLSIQWVYNILDKKAEADRIVFENPDP
SDGFVLIPDLKWNQQQLDDLYLIAICHRRGIRSLRDLTPEHLPLLRNILHQGQEAILQRYRMKGDHLRVYLHYLPSYYHL
HVHFTALGFEAPGSGVERAHLLAEVIENLECDPRHYQQRTLTFALRADDPLLKLLQEAQQS
;
_entity_poly.pdbx_strand_id   A,B
#
loop_
_chem_comp.id
_chem_comp.type
_chem_comp.name
_chem_comp.formula
AJQ non-polymer '[(2~{S},3~{S},4~{R},5~{R})-5-(2-azanyl-7-methyl-6-oxidanylidene-1~{H}-purin-7-ium-9-yl)-3,4-bis(oxidanyl)oxolan-2-yl]methylsulfanyl-[[[(2~{S},3~{S},4~{R},5~{R})-5-(2-azanyl-6-oxidanylidene-3~{H}-purin-9-yl)-3,4-bis(oxidanyl)oxolan-2-yl]methylsulfanyl-oxidanyl-phosphoryl]oxy-sulfanyl-phosphoryl]oxy-phosphinic acid' 'C21 H30 N10 O15 P3 S3 1'
GOL non-polymer GLYCEROL 'C3 H8 O3'
#
# COMPACT_ATOMS: atom_id res chain seq x y z
N SER A 1 -32.28 -20.31 -5.19
CA SER A 1 -32.02 -20.11 -3.77
C SER A 1 -30.96 -19.04 -3.55
N ALA A 2 -31.14 -18.23 -2.52
CA ALA A 2 -30.13 -17.26 -2.15
C ALA A 2 -28.89 -17.99 -1.61
N PRO A 3 -27.71 -17.74 -2.17
CA PRO A 3 -26.51 -18.44 -1.69
C PRO A 3 -26.00 -17.84 -0.38
N VAL A 4 -26.36 -18.47 0.74
CA VAL A 4 -26.15 -17.87 2.06
C VAL A 4 -25.32 -18.76 2.98
N ARG A 5 -24.52 -19.67 2.40
CA ARG A 5 -23.73 -20.60 3.20
C ARG A 5 -22.26 -20.55 2.77
N LEU A 6 -21.38 -20.79 3.75
CA LEU A 6 -19.99 -21.05 3.46
C LEU A 6 -19.87 -22.36 2.68
N PRO A 7 -18.79 -22.55 1.93
CA PRO A 7 -18.70 -23.74 1.06
C PRO A 7 -18.35 -25.03 1.82
N PHE A 8 -18.79 -25.13 3.07
CA PHE A 8 -18.50 -26.30 3.88
C PHE A 8 -19.53 -26.38 5.01
N SER A 9 -19.52 -27.50 5.72
CA SER A 9 -20.43 -27.75 6.83
C SER A 9 -19.71 -27.50 8.15
N GLY A 10 -20.12 -26.45 8.86
CA GLY A 10 -19.54 -26.16 10.15
C GLY A 10 -18.17 -25.54 10.08
N PHE A 11 -17.88 -24.63 11.01
CA PHE A 11 -16.60 -23.97 11.10
C PHE A 11 -16.07 -24.10 12.52
N ARG A 12 -14.86 -24.61 12.67
CA ARG A 12 -14.18 -24.68 13.95
C ARG A 12 -12.88 -23.91 13.85
N LEU A 13 -12.66 -22.98 14.78
CA LEU A 13 -11.46 -22.15 14.75
C LEU A 13 -10.29 -22.96 15.27
N GLN A 14 -9.33 -23.26 14.39
CA GLN A 14 -8.11 -23.93 14.81
C GLN A 14 -7.14 -22.94 15.45
N LYS A 15 -6.84 -21.84 14.77
CA LYS A 15 -5.98 -20.81 15.32
C LYS A 15 -6.13 -19.53 14.50
N VAL A 16 -5.79 -18.41 15.14
CA VAL A 16 -5.74 -17.13 14.45
C VAL A 16 -4.42 -17.03 13.70
N LEU A 17 -4.49 -16.84 12.38
CA LEU A 17 -3.27 -16.72 11.59
C LEU A 17 -2.65 -15.34 11.77
N ARG A 18 -3.46 -14.29 11.70
CA ARG A 18 -2.99 -12.93 11.88
C ARG A 18 -4.19 -12.02 12.08
N GLU A 19 -4.01 -11.00 12.93
CA GLU A 19 -5.00 -9.96 13.12
C GLU A 19 -4.28 -8.61 13.18
N SER A 20 -4.98 -7.56 12.80
CA SER A 20 -4.44 -6.21 12.82
C SER A 20 -5.51 -5.24 13.27
N ALA A 21 -5.25 -4.54 14.37
CA ALA A 21 -6.21 -3.56 14.88
C ALA A 21 -6.28 -2.34 13.98
N ARG A 22 -5.14 -1.86 13.49
CA ARG A 22 -5.13 -0.68 12.64
C ARG A 22 -5.78 -0.95 11.29
N ASP A 23 -5.63 -2.17 10.77
CA ASP A 23 -6.18 -2.55 9.48
C ASP A 23 -7.60 -3.11 9.57
N LYS A 24 -8.07 -3.42 10.78
CA LYS A 24 -9.40 -4.01 11.00
C LYS A 24 -9.60 -5.24 10.14
N ILE A 25 -8.62 -6.15 10.21
CA ILE A 25 -8.64 -7.38 9.43
C ILE A 25 -8.18 -8.52 10.33
N ILE A 26 -8.66 -9.73 10.04
CA ILE A 26 -8.25 -10.90 10.80
C ILE A 26 -8.23 -12.11 9.87
N PHE A 27 -7.19 -12.91 9.99
CA PHE A 27 -6.99 -14.11 9.18
C PHE A 27 -7.17 -15.34 10.08
N LEU A 28 -8.05 -16.25 9.68
CA LEU A 28 -8.47 -17.36 10.52
C LEU A 28 -8.19 -18.69 9.85
N HIS A 29 -7.56 -19.60 10.59
CA HIS A 29 -7.42 -20.99 10.17
C HIS A 29 -8.56 -21.79 10.77
N GLY A 30 -9.42 -22.34 9.90
CA GLY A 30 -10.54 -23.12 10.37
C GLY A 30 -10.48 -24.57 9.96
N LYS A 31 -11.17 -25.43 10.71
CA LYS A 31 -11.36 -26.83 10.36
C LYS A 31 -12.83 -27.05 10.06
N VAL A 32 -13.13 -27.72 8.95
CA VAL A 32 -14.49 -27.78 8.42
C VAL A 32 -14.85 -29.22 8.08
N ASN A 33 -16.15 -29.47 7.96
CA ASN A 33 -16.71 -30.78 7.58
C ASN A 33 -16.34 -31.85 8.61
N GLU A 34 -16.75 -31.62 9.85
CA GLU A 34 -16.47 -32.52 10.97
C GLU A 34 -17.77 -33.05 11.58
N ALA A 35 -18.74 -33.39 10.73
CA ALA A 35 -20.03 -33.86 11.24
C ALA A 35 -19.89 -35.17 12.01
N SER A 36 -18.90 -36.00 11.67
CA SER A 36 -18.71 -37.26 12.37
C SER A 36 -18.15 -37.08 13.78
N GLY A 37 -17.59 -35.90 14.07
CA GLY A 37 -17.04 -35.65 15.38
C GLY A 37 -15.72 -36.32 15.67
N ASP A 38 -14.84 -36.41 14.67
CA ASP A 38 -13.53 -37.02 14.82
C ASP A 38 -12.40 -36.01 14.88
N GLY A 39 -12.70 -34.71 14.88
CA GLY A 39 -11.67 -33.69 14.95
C GLY A 39 -10.62 -33.80 13.87
N ASP A 40 -11.04 -34.09 12.63
CA ASP A 40 -10.14 -34.39 11.52
C ASP A 40 -10.55 -33.62 10.27
N GLY A 41 -11.06 -32.41 10.45
CA GLY A 41 -11.65 -31.69 9.34
C GLY A 41 -10.64 -31.15 8.34
N GLU A 42 -11.17 -30.76 7.19
CA GLU A 42 -10.36 -30.12 6.16
C GLU A 42 -9.94 -28.73 6.59
N ASP A 43 -8.91 -28.20 5.93
CA ASP A 43 -8.39 -26.88 6.23
C ASP A 43 -9.13 -25.83 5.41
N ALA A 44 -9.40 -24.69 6.06
CA ALA A 44 -9.98 -23.54 5.38
C ALA A 44 -9.39 -22.28 6.00
N VAL A 45 -9.22 -21.25 5.17
CA VAL A 45 -8.81 -19.93 5.62
C VAL A 45 -9.97 -18.97 5.39
N VAL A 46 -10.32 -18.21 6.42
CA VAL A 46 -11.39 -17.21 6.35
C VAL A 46 -10.79 -15.87 6.72
N ILE A 47 -10.95 -14.89 5.83
CA ILE A 47 -10.45 -13.53 6.04
C ILE A 47 -11.64 -12.61 6.22
N LEU A 48 -11.67 -11.88 7.33
CA LEU A 48 -12.70 -10.88 7.60
C LEU A 48 -12.05 -9.51 7.66
N GLU A 49 -12.68 -8.53 7.01
CA GLU A 49 -12.19 -7.17 7.01
C GLU A 49 -13.35 -6.19 7.07
N LYS A 50 -13.28 -5.24 7.99
CA LYS A 50 -14.26 -4.16 8.01
C LYS A 50 -14.18 -3.36 6.71
N THR A 51 -15.27 -2.72 6.36
CA THR A 51 -15.33 -2.02 5.08
C THR A 51 -15.12 -0.53 5.26
N PRO A 52 -14.66 0.16 4.23
CA PRO A 52 -14.55 1.63 4.31
C PRO A 52 -15.92 2.29 4.40
N PHE A 53 -15.93 3.52 4.87
CA PHE A 53 -17.16 4.28 4.99
C PHE A 53 -17.57 4.84 3.63
N GLN A 54 -18.87 4.97 3.42
CA GLN A 54 -19.44 5.64 2.25
C GLN A 54 -19.89 7.04 2.67
N VAL A 55 -19.39 8.05 1.96
CA VAL A 55 -19.53 9.44 2.41
C VAL A 55 -20.98 9.82 2.60
N GLU A 56 -21.82 9.58 1.60
CA GLU A 56 -23.20 10.02 1.69
C GLU A 56 -24.03 9.14 2.63
N GLN A 57 -23.60 7.90 2.86
CA GLN A 57 -24.29 7.06 3.84
C GLN A 57 -24.11 7.61 5.25
N VAL A 58 -22.87 7.95 5.62
CA VAL A 58 -22.64 8.48 6.96
CA VAL A 58 -22.60 8.49 6.94
C VAL A 58 -23.23 9.87 7.10
N ALA A 59 -23.22 10.67 6.02
CA ALA A 59 -23.79 12.01 6.08
C ALA A 59 -25.28 11.96 6.42
N GLN A 60 -26.02 11.05 5.80
CA GLN A 60 -27.45 10.92 6.10
C GLN A 60 -27.67 10.38 7.50
N LEU A 61 -26.76 9.55 7.99
CA LEU A 61 -26.92 9.00 9.34
C LEU A 61 -26.73 10.07 10.40
N LEU A 62 -25.74 10.95 10.22
CA LEU A 62 -25.45 11.97 11.23
C LEU A 62 -26.56 13.02 11.31
N THR A 63 -27.26 13.26 10.22
CA THR A 63 -28.30 14.30 10.22
C THR A 63 -29.60 13.83 10.87
N GLY A 64 -29.71 12.55 11.21
CA GLY A 64 -30.87 12.00 11.88
C GLY A 64 -30.63 11.81 13.37
N SER A 65 -31.10 10.67 13.89
CA SER A 65 -30.96 10.33 15.30
C SER A 65 -30.15 9.04 15.41
N PRO A 66 -28.83 9.13 15.41
CA PRO A 66 -28.00 7.92 15.51
C PRO A 66 -28.06 7.33 16.91
N GLU A 67 -27.77 6.03 16.98
CA GLU A 67 -27.75 5.30 18.25
C GLU A 67 -26.33 5.38 18.82
N LEU A 68 -26.15 6.14 19.90
CA LEU A 68 -24.84 6.44 20.44
C LEU A 68 -24.75 6.05 21.90
N GLN A 69 -23.55 5.64 22.32
CA GLN A 69 -23.23 5.39 23.71
C GLN A 69 -22.00 6.23 24.07
N LEU A 70 -22.16 7.14 25.02
CA LEU A 70 -21.08 8.06 25.37
C LEU A 70 -19.95 7.32 26.09
N GLN A 71 -18.72 7.55 25.63
CA GLN A 71 -17.53 6.99 26.27
C GLN A 71 -16.78 8.05 27.08
N PHE A 72 -16.26 9.07 26.39
CA PHE A 72 -15.48 10.12 27.02
C PHE A 72 -16.04 11.47 26.61
N SER A 73 -15.82 12.48 27.47
CA SER A 73 -16.25 13.83 27.19
C SER A 73 -15.35 14.81 27.93
N ASN A 74 -14.93 15.86 27.24
CA ASN A 74 -14.09 16.89 27.86
C ASN A 74 -14.13 18.12 26.96
N ASP A 75 -14.80 19.17 27.44
CA ASP A 75 -14.90 20.46 26.73
C ASP A 75 -15.54 20.21 25.37
N ILE A 76 -14.84 20.44 24.26
CA ILE A 76 -15.45 20.31 22.94
C ILE A 76 -15.26 18.93 22.31
N TYR A 77 -14.48 18.06 22.94
CA TYR A 77 -14.20 16.73 22.40
C TYR A 77 -15.00 15.68 23.16
N SER A 78 -15.55 14.71 22.43
CA SER A 78 -16.29 13.62 23.02
C SER A 78 -16.16 12.38 22.13
N THR A 79 -16.23 11.22 22.77
CA THR A 79 -16.10 9.93 22.07
C THR A 79 -17.32 9.08 22.37
N TYR A 80 -17.82 8.40 21.34
CA TYR A 80 -19.03 7.59 21.44
C TYR A 80 -18.82 6.20 20.86
N HIS A 81 -19.67 5.28 21.28
CA HIS A 81 -19.90 4.02 20.57
C HIS A 81 -21.09 4.23 19.66
N LEU A 82 -20.90 4.00 18.36
CA LEU A 82 -21.96 4.13 17.38
C LEU A 82 -22.34 2.77 16.84
N PHE A 83 -23.62 2.43 16.92
CA PHE A 83 -24.14 1.19 16.33
C PHE A 83 -24.95 1.55 15.10
N PRO A 84 -24.37 1.47 13.91
CA PRO A 84 -25.04 2.00 12.71
C PRO A 84 -26.05 1.01 12.18
N PRO A 85 -26.91 1.43 11.25
CA PRO A 85 -27.87 0.50 10.65
C PRO A 85 -27.19 -0.57 9.82
N ARG A 86 -27.99 -1.49 9.27
CA ARG A 86 -27.46 -2.65 8.57
C ARG A 86 -26.59 -2.27 7.38
N GLN A 87 -26.87 -1.14 6.74
CA GLN A 87 -26.16 -0.77 5.52
C GLN A 87 -24.68 -0.56 5.78
N LEU A 88 -24.33 0.05 6.90
CA LEU A 88 -22.95 0.38 7.23
C LEU A 88 -22.22 -0.73 7.98
N ASN A 89 -22.81 -1.93 8.06
CA ASN A 89 -22.31 -2.98 8.93
C ASN A 89 -21.74 -4.19 8.20
N ASP A 90 -21.78 -4.21 6.87
CA ASP A 90 -21.34 -5.39 6.14
C ASP A 90 -19.84 -5.60 6.30
N VAL A 91 -19.44 -6.86 6.41
CA VAL A 91 -18.05 -7.25 6.60
C VAL A 91 -17.61 -8.11 5.42
N LYS A 92 -16.52 -7.70 4.77
CA LYS A 92 -16.01 -8.44 3.62
C LYS A 92 -15.39 -9.75 4.09
N THR A 93 -15.87 -10.87 3.56
CA THR A 93 -15.45 -12.20 3.98
C THR A 93 -14.88 -12.93 2.78
N THR A 94 -13.62 -13.35 2.89
CA THR A 94 -12.94 -14.12 1.86
C THR A 94 -12.60 -15.50 2.40
N VAL A 95 -12.94 -16.54 1.65
CA VAL A 95 -12.76 -17.92 2.08
C VAL A 95 -11.85 -18.63 1.08
N VAL A 96 -10.91 -19.40 1.61
CA VAL A 96 -10.07 -20.29 0.81
C VAL A 96 -10.38 -21.70 1.27
N TYR A 97 -11.01 -22.49 0.40
CA TYR A 97 -11.35 -23.88 0.72
C TYR A 97 -11.36 -24.75 -0.54
N PRO A 98 -10.64 -25.89 -0.51
CA PRO A 98 -9.77 -26.30 0.59
C PRO A 98 -8.45 -25.53 0.62
N ALA A 99 -8.01 -25.12 1.81
CA ALA A 99 -6.77 -24.38 1.94
C ALA A 99 -5.59 -25.34 2.01
N THR A 100 -4.51 -24.98 1.31
CA THR A 100 -3.30 -25.78 1.33
C THR A 100 -2.38 -25.33 2.46
N GLU A 101 -1.38 -26.16 2.75
CA GLU A 101 -0.37 -25.79 3.73
C GLU A 101 0.35 -24.51 3.31
N LYS A 102 0.47 -24.27 2.01
CA LYS A 102 1.05 -23.02 1.54
C LYS A 102 0.19 -21.83 1.93
N HIS A 103 -1.14 -22.00 1.88
CA HIS A 103 -2.04 -20.92 2.30
C HIS A 103 -1.87 -20.61 3.78
N LEU A 104 -1.68 -21.63 4.61
CA LEU A 104 -1.51 -21.39 6.04
C LEU A 104 -0.22 -20.66 6.34
N GLN A 105 0.83 -20.89 5.55
CA GLN A 105 2.11 -20.25 5.79
C GLN A 105 2.11 -18.80 5.31
N LYS A 106 1.43 -18.51 4.20
CA LYS A 106 1.46 -17.16 3.67
C LYS A 106 0.65 -16.19 4.53
N TYR A 107 -0.36 -16.69 5.23
CA TYR A 107 -1.21 -15.85 6.06
C TYR A 107 -0.81 -15.88 7.53
N LEU A 108 0.05 -16.81 7.94
CA LEU A 108 0.53 -16.83 9.32
C LEU A 108 1.41 -15.63 9.58
N ARG A 109 1.20 -14.98 10.72
CA ARG A 109 1.95 -13.78 11.07
C ARG A 109 3.43 -14.11 11.24
N GLN A 110 4.27 -13.43 10.46
CA GLN A 110 5.71 -13.66 10.50
C GLN A 110 6.42 -12.32 10.30
N ASP A 111 7.60 -12.22 10.92
CA ASP A 111 8.44 -11.05 10.70
C ASP A 111 9.08 -11.12 9.33
N LEU A 112 9.20 -9.96 8.67
CA LEU A 112 9.70 -9.89 7.31
C LEU A 112 11.18 -9.59 7.28
N ARG A 113 11.85 -10.13 6.27
CA ARG A 113 13.27 -9.86 6.02
C ARG A 113 13.43 -9.48 4.56
N LEU A 114 14.33 -8.52 4.30
CA LEU A 114 14.58 -8.03 2.96
C LEU A 114 15.72 -8.84 2.32
N ILE A 115 15.64 -8.99 1.00
CA ILE A 115 16.66 -9.73 0.25
C ILE A 115 16.80 -9.09 -1.12
N ARG A 116 18.02 -9.11 -1.66
CA ARG A 116 18.32 -8.58 -2.98
C ARG A 116 18.75 -9.74 -3.86
N GLU A 117 17.96 -10.04 -4.88
CA GLU A 117 18.14 -11.21 -5.73
C GLU A 117 18.74 -10.78 -7.06
N THR A 118 19.99 -11.19 -7.31
CA THR A 118 20.60 -10.95 -8.61
C THR A 118 19.92 -11.82 -9.67
N GLY A 119 20.26 -11.54 -10.93
CA GLY A 119 19.77 -12.38 -12.01
C GLY A 119 20.25 -13.81 -11.88
N ASP A 120 21.48 -13.99 -11.39
CA ASP A 120 21.99 -15.35 -11.18
C ASP A 120 21.29 -16.03 -10.00
N ASP A 121 21.05 -15.28 -8.92
CA ASP A 121 20.32 -15.84 -7.79
C ASP A 121 18.95 -16.36 -8.20
N TYR A 122 18.29 -15.66 -9.12
CA TYR A 122 16.95 -16.09 -9.55
C TYR A 122 17.02 -17.42 -10.30
N ARG A 123 17.96 -17.54 -11.24
CA ARG A 123 18.00 -18.74 -12.08
C ARG A 123 18.48 -19.95 -11.29
N ASN A 124 19.43 -19.77 -10.39
CA ASN A 124 20.02 -20.89 -9.66
C ASN A 124 19.27 -21.25 -8.38
N ILE A 125 18.55 -20.30 -7.78
CA ILE A 125 17.95 -20.54 -6.47
C ILE A 125 16.44 -20.36 -6.51
N THR A 126 15.99 -19.15 -6.85
CA THR A 126 14.58 -18.81 -6.72
C THR A 126 13.73 -19.63 -7.68
N LEU A 127 14.03 -19.56 -8.97
CA LEU A 127 13.23 -20.29 -9.96
C LEU A 127 13.15 -21.78 -9.67
N PRO A 128 14.23 -22.49 -9.33
CA PRO A 128 14.07 -23.91 -8.95
C PRO A 128 13.22 -24.11 -7.72
N HIS A 129 13.26 -23.19 -6.76
CA HIS A 129 12.51 -23.37 -5.52
C HIS A 129 11.03 -23.12 -5.71
N LEU A 130 10.66 -22.04 -6.43
CA LEU A 130 9.26 -21.65 -6.51
C LEU A 130 8.43 -22.63 -7.33
N GLU A 131 9.05 -23.41 -8.21
CA GLU A 131 8.31 -24.31 -9.10
C GLU A 131 7.46 -25.30 -8.31
N SER A 132 7.94 -25.74 -7.14
CA SER A 132 7.20 -26.66 -6.30
C SER A 132 6.51 -25.99 -5.13
N GLN A 133 6.73 -24.69 -4.92
CA GLN A 133 6.16 -23.98 -3.79
C GLN A 133 5.22 -22.86 -4.22
N SER A 134 4.63 -23.00 -5.40
CA SER A 134 3.74 -21.98 -5.93
C SER A 134 2.29 -22.40 -5.81
N LEU A 135 1.42 -21.42 -5.58
CA LEU A 135 -0.01 -21.66 -5.50
C LEU A 135 -0.59 -21.93 -6.89
N SER A 136 -1.68 -22.70 -6.92
CA SER A 136 -2.35 -22.97 -8.18
C SER A 136 -2.86 -21.67 -8.80
N ILE A 137 -2.79 -21.60 -10.14
CA ILE A 137 -3.30 -20.46 -10.87
C ILE A 137 -4.57 -20.86 -11.62
N GLN A 138 -5.28 -21.86 -11.10
CA GLN A 138 -6.52 -22.29 -11.74
C GLN A 138 -7.55 -21.17 -11.75
N TRP A 139 -7.57 -20.33 -10.71
CA TRP A 139 -8.50 -19.20 -10.69
C TRP A 139 -8.20 -18.23 -11.82
N VAL A 140 -6.92 -18.09 -12.18
CA VAL A 140 -6.56 -17.27 -13.34
C VAL A 140 -7.13 -17.88 -14.62
N TYR A 141 -6.92 -19.18 -14.80
CA TYR A 141 -7.43 -19.85 -16.00
C TYR A 141 -8.95 -19.78 -16.08
N ASN A 142 -9.63 -19.87 -14.93
CA ASN A 142 -11.10 -19.82 -14.94
C ASN A 142 -11.60 -18.48 -15.48
N ILE A 143 -10.93 -17.39 -15.12
CA ILE A 143 -11.32 -16.08 -15.63
C ILE A 143 -11.06 -15.98 -17.13
N LEU A 144 -9.88 -16.41 -17.57
CA LEU A 144 -9.55 -16.34 -19.00
C LEU A 144 -10.47 -17.23 -19.83
N ASP A 145 -10.84 -18.39 -19.31
CA ASP A 145 -11.72 -19.30 -20.03
C ASP A 145 -13.20 -18.94 -19.90
N LYS A 146 -13.53 -17.86 -19.18
CA LYS A 146 -14.91 -17.48 -18.89
C LYS A 146 -15.64 -18.57 -18.10
N LYS A 147 -14.89 -19.32 -17.28
CA LYS A 147 -15.47 -20.32 -16.40
C LYS A 147 -15.86 -19.77 -15.04
N ALA A 148 -15.33 -18.60 -14.66
CA ALA A 148 -15.69 -17.96 -13.42
C ALA A 148 -15.57 -16.46 -13.60
N GLU A 149 -16.44 -15.72 -12.93
CA GLU A 149 -16.40 -14.25 -12.86
C GLU A 149 -16.56 -13.60 -14.22
N ALA A 150 -17.18 -14.28 -15.18
CA ALA A 150 -17.33 -13.70 -16.51
C ALA A 150 -18.14 -12.42 -16.48
N ASP A 151 -19.17 -12.37 -15.63
CA ASP A 151 -20.00 -11.17 -15.55
C ASP A 151 -19.32 -10.02 -14.82
N ARG A 152 -18.19 -10.27 -14.16
CA ARG A 152 -17.46 -9.22 -13.46
CA ARG A 152 -17.48 -9.22 -13.46
C ARG A 152 -16.41 -8.55 -14.33
N ILE A 153 -16.09 -9.12 -15.49
CA ILE A 153 -15.08 -8.55 -16.37
C ILE A 153 -15.49 -7.15 -16.80
N VAL A 154 -14.59 -6.20 -16.61
CA VAL A 154 -14.83 -4.82 -17.04
C VAL A 154 -14.38 -4.59 -18.47
N PHE A 155 -13.25 -5.17 -18.87
CA PHE A 155 -12.73 -5.01 -20.22
C PHE A 155 -11.91 -6.24 -20.60
N GLU A 156 -11.92 -6.58 -21.89
CA GLU A 156 -11.10 -7.67 -22.38
C GLU A 156 -10.56 -7.34 -23.77
N ASN A 157 -9.24 -7.44 -23.92
CA ASN A 157 -8.61 -7.53 -25.23
C ASN A 157 -8.41 -9.02 -25.50
N PRO A 158 -9.16 -9.62 -26.43
CA PRO A 158 -9.15 -11.09 -26.56
C PRO A 158 -7.95 -11.67 -27.27
N ASP A 159 -6.98 -10.87 -27.70
CA ASP A 159 -5.86 -11.41 -28.48
C ASP A 159 -5.06 -12.40 -27.65
N PRO A 160 -4.73 -13.57 -28.20
CA PRO A 160 -4.05 -14.60 -27.38
C PRO A 160 -2.65 -14.21 -26.94
N SER A 161 -1.96 -13.33 -27.67
CA SER A 161 -0.60 -12.94 -27.33
C SER A 161 -0.51 -11.60 -26.64
N ASP A 162 -1.23 -10.59 -27.12
CA ASP A 162 -1.12 -9.23 -26.59
C ASP A 162 -2.36 -8.78 -25.83
N GLY A 163 -3.31 -9.68 -25.59
CA GLY A 163 -4.54 -9.34 -24.92
C GLY A 163 -4.51 -9.63 -23.43
N PHE A 164 -5.62 -9.31 -22.77
CA PHE A 164 -5.72 -9.42 -21.32
C PHE A 164 -7.18 -9.26 -20.91
N VAL A 165 -7.45 -9.55 -19.65
CA VAL A 165 -8.77 -9.38 -19.04
C VAL A 165 -8.64 -8.44 -17.85
N LEU A 166 -9.47 -7.39 -17.83
CA LEU A 166 -9.50 -6.45 -16.72
C LEU A 166 -10.70 -6.76 -15.83
N ILE A 167 -10.45 -6.96 -14.54
CA ILE A 167 -11.47 -7.47 -13.64
C ILE A 167 -11.21 -6.96 -12.23
N PRO A 168 -12.25 -6.69 -11.42
CA PRO A 168 -12.01 -6.32 -10.02
C PRO A 168 -11.34 -7.46 -9.26
N ASP A 169 -10.74 -7.11 -8.13
CA ASP A 169 -10.05 -8.07 -7.28
C ASP A 169 -11.09 -8.78 -6.39
N LEU A 170 -10.62 -9.49 -5.36
CA LEU A 170 -11.53 -10.18 -4.45
C LEU A 170 -12.17 -9.25 -3.44
N LYS A 171 -11.52 -8.13 -3.11
CA LYS A 171 -11.92 -7.30 -1.98
C LYS A 171 -12.82 -6.13 -2.37
N TRP A 172 -12.53 -5.46 -3.47
CA TRP A 172 -13.23 -4.22 -3.81
C TRP A 172 -14.73 -4.45 -3.94
N ASN A 173 -15.48 -4.05 -2.89
CA ASN A 173 -16.93 -4.14 -2.93
C ASN A 173 -17.55 -3.17 -3.93
N GLN A 174 -16.74 -2.38 -4.63
CA GLN A 174 -17.19 -1.47 -5.69
C GLN A 174 -18.23 -0.45 -5.20
N GLN A 175 -18.28 -0.20 -3.89
CA GLN A 175 -19.23 0.76 -3.34
C GLN A 175 -18.66 2.18 -3.28
N GLN A 176 -17.37 2.36 -3.53
CA GLN A 176 -16.76 3.67 -3.56
C GLN A 176 -15.49 3.60 -4.39
N LEU A 177 -15.13 4.73 -5.02
CA LEU A 177 -13.91 4.81 -5.81
C LEU A 177 -12.67 5.01 -4.95
N ASP A 178 -12.82 5.27 -3.66
CA ASP A 178 -11.66 5.59 -2.82
C ASP A 178 -10.74 4.39 -2.67
N ASP A 179 -11.26 3.18 -2.78
CA ASP A 179 -10.48 1.96 -2.64
C ASP A 179 -10.55 1.11 -3.91
N LEU A 180 -10.60 1.77 -5.07
CA LEU A 180 -10.66 1.08 -6.35
C LEU A 180 -9.47 0.14 -6.48
N TYR A 181 -9.74 -1.12 -6.86
CA TYR A 181 -8.69 -2.11 -7.04
C TYR A 181 -9.13 -3.07 -8.14
N LEU A 182 -8.40 -3.07 -9.25
CA LEU A 182 -8.63 -3.99 -10.35
C LEU A 182 -7.32 -4.65 -10.73
N ILE A 183 -7.42 -5.85 -11.31
CA ILE A 183 -6.27 -6.59 -11.80
C ILE A 183 -6.48 -6.87 -13.29
N ALA A 184 -5.38 -6.83 -14.05
CA ALA A 184 -5.37 -7.18 -15.46
C ALA A 184 -4.55 -8.45 -15.63
N ILE A 185 -5.16 -9.47 -16.23
CA ILE A 185 -4.55 -10.78 -16.41
C ILE A 185 -4.33 -11.01 -17.89
N CYS A 186 -3.08 -11.26 -18.27
CA CYS A 186 -2.76 -11.45 -19.69
C CYS A 186 -3.26 -12.82 -20.15
N HIS A 187 -3.67 -12.88 -21.41
CA HIS A 187 -4.10 -14.16 -22.00
C HIS A 187 -2.92 -15.09 -22.26
N ARG A 188 -1.77 -14.54 -22.64
CA ARG A 188 -0.61 -15.37 -22.94
C ARG A 188 -0.15 -16.12 -21.69
N ARG A 189 0.05 -17.43 -21.84
CA ARG A 189 0.40 -18.29 -20.73
C ARG A 189 1.91 -18.44 -20.60
N GLY A 190 2.37 -18.72 -19.38
CA GLY A 190 3.76 -19.00 -19.13
C GLY A 190 4.62 -17.80 -18.76
N ILE A 191 4.04 -16.62 -18.62
CA ILE A 191 4.77 -15.45 -18.17
C ILE A 191 4.68 -15.45 -16.64
N ARG A 192 5.72 -15.95 -15.99
CA ARG A 192 5.65 -16.20 -14.55
C ARG A 192 5.68 -14.90 -13.74
N SER A 193 6.51 -13.94 -14.15
CA SER A 193 6.73 -12.72 -13.35
C SER A 193 7.52 -11.74 -14.21
N LEU A 194 8.03 -10.69 -13.56
CA LEU A 194 8.89 -9.72 -14.23
C LEU A 194 10.10 -10.39 -14.87
N ARG A 195 10.58 -11.48 -14.28
CA ARG A 195 11.79 -12.15 -14.76
C ARG A 195 11.64 -12.70 -16.18
N ASP A 196 10.41 -12.91 -16.63
CA ASP A 196 10.17 -13.45 -17.98
C ASP A 196 9.95 -12.36 -19.02
N LEU A 197 9.96 -11.08 -18.63
CA LEU A 197 9.59 -10.02 -19.54
C LEU A 197 10.74 -9.68 -20.48
N THR A 198 10.43 -9.57 -21.76
CA THR A 198 11.35 -9.21 -22.83
C THR A 198 10.67 -8.16 -23.70
N PRO A 199 11.41 -7.51 -24.59
CA PRO A 199 10.76 -6.60 -25.55
C PRO A 199 9.66 -7.26 -26.37
N GLU A 200 9.65 -8.58 -26.48
CA GLU A 200 8.53 -9.26 -27.12
C GLU A 200 7.21 -8.97 -26.43
N HIS A 201 7.26 -8.66 -25.13
CA HIS A 201 6.05 -8.39 -24.35
C HIS A 201 5.69 -6.91 -24.29
N LEU A 202 6.44 -6.05 -24.97
CA LEU A 202 6.12 -4.63 -24.95
C LEU A 202 4.73 -4.31 -25.51
N PRO A 203 4.27 -4.91 -26.62
CA PRO A 203 2.88 -4.65 -27.05
C PRO A 203 1.85 -5.04 -26.00
N LEU A 204 2.03 -6.19 -25.34
CA LEU A 204 1.11 -6.59 -24.29
C LEU A 204 1.10 -5.58 -23.15
N LEU A 205 2.28 -5.19 -22.67
CA LEU A 205 2.35 -4.28 -21.54
C LEU A 205 1.73 -2.93 -21.87
N ARG A 206 1.99 -2.41 -23.08
CA ARG A 206 1.37 -1.15 -23.50
C ARG A 206 -0.15 -1.28 -23.57
N ASN A 207 -0.64 -2.43 -24.01
CA ASN A 207 -2.09 -2.64 -24.06
C ASN A 207 -2.69 -2.57 -22.67
N ILE A 208 -2.09 -3.28 -21.71
CA ILE A 208 -2.59 -3.27 -20.33
C ILE A 208 -2.59 -1.85 -19.77
N LEU A 209 -1.53 -1.10 -20.01
CA LEU A 209 -1.43 0.26 -19.48
C LEU A 209 -2.48 1.17 -20.09
N HIS A 210 -2.52 1.25 -21.43
CA HIS A 210 -3.35 2.26 -22.09
C HIS A 210 -4.80 1.80 -22.23
N GLN A 211 -5.04 0.54 -22.60
CA GLN A 211 -6.41 0.06 -22.69
C GLN A 211 -7.01 -0.12 -21.30
N GLY A 212 -6.20 -0.55 -20.34
CA GLY A 212 -6.69 -0.68 -18.97
C GLY A 212 -7.11 0.64 -18.38
N GLN A 213 -6.28 1.67 -18.54
CA GLN A 213 -6.62 2.98 -18.01
C GLN A 213 -7.85 3.56 -18.71
N GLU A 214 -7.96 3.39 -20.03
CA GLU A 214 -9.11 3.92 -20.74
C GLU A 214 -10.39 3.22 -20.31
N ALA A 215 -10.33 1.91 -20.07
CA ALA A 215 -11.50 1.18 -19.59
C ALA A 215 -11.95 1.69 -18.23
N ILE A 216 -11.00 2.00 -17.35
CA ILE A 216 -11.36 2.52 -16.03
C ILE A 216 -11.96 3.91 -16.15
N LEU A 217 -11.46 4.72 -17.08
CA LEU A 217 -12.07 6.02 -17.35
C LEU A 217 -13.47 5.86 -17.92
N GLN A 218 -13.65 4.92 -18.85
CA GLN A 218 -14.98 4.71 -19.43
C GLN A 218 -15.97 4.22 -18.38
N ARG A 219 -15.58 3.22 -17.58
CA ARG A 219 -16.52 2.56 -16.70
C ARG A 219 -16.75 3.33 -15.41
N TYR A 220 -15.70 3.90 -14.83
CA TYR A 220 -15.78 4.51 -13.50
C TYR A 220 -15.57 6.02 -13.49
N ARG A 221 -15.36 6.63 -14.66
CA ARG A 221 -15.06 8.07 -14.75
C ARG A 221 -13.85 8.43 -13.89
N MET A 222 -12.87 7.51 -13.86
CA MET A 222 -11.68 7.63 -13.02
C MET A 222 -10.50 7.95 -13.93
N LYS A 223 -9.98 9.17 -13.81
CA LYS A 223 -8.88 9.61 -14.66
CA LYS A 223 -8.88 9.60 -14.67
C LYS A 223 -7.61 8.81 -14.37
N GLY A 224 -6.73 8.74 -15.38
CA GLY A 224 -5.51 7.97 -15.24
C GLY A 224 -4.58 8.45 -14.15
N ASP A 225 -4.53 9.76 -13.93
CA ASP A 225 -3.66 10.30 -12.89
C ASP A 225 -4.24 10.13 -11.48
N HIS A 226 -5.36 9.42 -11.36
CA HIS A 226 -5.86 8.97 -10.06
C HIS A 226 -5.45 7.54 -9.75
N LEU A 227 -4.66 6.91 -10.60
CA LEU A 227 -4.38 5.47 -10.52
C LEU A 227 -2.91 5.21 -10.24
N ARG A 228 -2.66 4.20 -9.43
CA ARG A 228 -1.35 3.62 -9.22
C ARG A 228 -1.35 2.26 -9.90
N VAL A 229 -0.56 2.11 -10.97
CA VAL A 229 -0.58 0.93 -11.83
C VAL A 229 0.79 0.25 -11.75
N TYR A 230 0.81 -1.00 -11.30
CA TYR A 230 2.09 -1.63 -10.96
C TYR A 230 1.95 -3.15 -11.00
N LEU A 231 3.09 -3.81 -10.83
CA LEU A 231 3.19 -5.26 -10.71
C LEU A 231 3.87 -5.62 -9.39
N HIS A 232 3.68 -6.86 -8.97
CA HIS A 232 4.26 -7.38 -7.74
C HIS A 232 5.50 -8.22 -8.05
N TYR A 233 6.51 -8.09 -7.21
CA TYR A 233 7.63 -9.01 -7.18
C TYR A 233 8.15 -9.14 -5.74
N LEU A 234 8.08 -10.33 -5.16
CA LEU A 234 7.55 -11.53 -5.81
C LEU A 234 6.03 -11.50 -5.95
N PRO A 235 5.54 -11.99 -7.10
CA PRO A 235 4.09 -12.07 -7.28
C PRO A 235 3.51 -13.19 -6.43
N SER A 236 2.23 -13.03 -6.10
CA SER A 236 1.52 -14.04 -5.33
C SER A 236 1.23 -15.29 -6.16
N TYR A 237 0.98 -15.10 -7.45
CA TYR A 237 0.72 -16.18 -8.38
C TYR A 237 1.59 -15.95 -9.60
N TYR A 238 2.13 -17.04 -10.14
CA TYR A 238 3.12 -16.93 -11.20
C TYR A 238 2.44 -17.01 -12.59
N HIS A 239 1.50 -16.10 -12.76
CA HIS A 239 0.93 -15.74 -14.06
C HIS A 239 0.83 -14.23 -14.09
N LEU A 240 1.50 -13.61 -15.07
CA LEU A 240 1.66 -12.16 -15.09
C LEU A 240 0.33 -11.43 -14.90
N HIS A 241 0.31 -10.50 -13.96
CA HIS A 241 -0.87 -9.69 -13.71
C HIS A 241 -0.44 -8.33 -13.17
N VAL A 242 -1.25 -7.31 -13.48
CA VAL A 242 -0.96 -5.93 -13.15
C VAL A 242 -2.05 -5.42 -12.21
N HIS A 243 -1.67 -4.60 -11.24
CA HIS A 243 -2.58 -4.05 -10.25
C HIS A 243 -2.93 -2.61 -10.60
N PHE A 244 -4.23 -2.33 -10.68
CA PHE A 244 -4.75 -0.98 -10.90
C PHE A 244 -5.42 -0.54 -9.59
N THR A 245 -4.81 0.42 -8.90
CA THR A 245 -5.34 0.87 -7.61
C THR A 245 -5.51 2.38 -7.61
N ALA A 246 -6.51 2.83 -6.85
CA ALA A 246 -6.68 4.26 -6.61
C ALA A 246 -5.45 4.82 -5.91
N LEU A 247 -4.95 5.95 -6.41
CA LEU A 247 -3.74 6.54 -5.84
C LEU A 247 -3.91 6.86 -4.36
N GLY A 248 -5.09 7.35 -3.97
CA GLY A 248 -5.36 7.65 -2.58
C GLY A 248 -5.56 6.42 -1.71
N PHE A 249 -5.66 5.24 -2.31
CA PHE A 249 -5.80 4.01 -1.55
C PHE A 249 -4.42 3.52 -1.13
N GLU A 250 -4.17 3.49 0.17
CA GLU A 250 -2.93 2.93 0.71
C GLU A 250 -3.00 1.41 0.61
N ALA A 251 -2.98 0.88 -0.61
CA ALA A 251 -3.25 -0.53 -0.80
C ALA A 251 -2.09 -1.39 -0.32
N PRO A 252 -2.37 -2.50 0.35
CA PRO A 252 -1.28 -3.41 0.73
C PRO A 252 -0.61 -3.98 -0.51
N GLY A 253 0.72 -4.11 -0.43
CA GLY A 253 1.51 -4.54 -1.57
C GLY A 253 1.93 -3.44 -2.51
N SER A 254 1.62 -2.18 -2.20
CA SER A 254 2.06 -1.05 -2.99
C SER A 254 3.35 -0.42 -2.48
N GLY A 255 3.96 -1.00 -1.45
CA GLY A 255 5.24 -0.50 -0.97
C GLY A 255 6.35 -0.70 -1.98
N VAL A 256 7.42 0.08 -1.78
CA VAL A 256 8.54 0.06 -2.73
C VAL A 256 9.22 -1.30 -2.75
N GLU A 257 9.13 -2.05 -1.66
CA GLU A 257 9.78 -3.36 -1.58
C GLU A 257 8.99 -4.47 -2.30
N ARG A 258 7.94 -4.12 -3.06
CA ARG A 258 7.23 -5.16 -3.80
C ARG A 258 6.65 -4.65 -5.12
N ALA A 259 6.34 -3.36 -5.21
CA ALA A 259 5.60 -2.81 -6.34
C ALA A 259 6.54 -2.20 -7.38
N HIS A 260 6.23 -2.45 -8.65
CA HIS A 260 7.00 -1.92 -9.78
C HIS A 260 6.03 -1.27 -10.75
N LEU A 261 6.16 0.04 -10.94
CA LEU A 261 5.26 0.77 -11.82
C LEU A 261 5.31 0.22 -13.24
N LEU A 262 4.14 -0.03 -13.83
CA LEU A 262 4.08 -0.60 -15.16
C LEU A 262 4.72 0.31 -16.20
N ALA A 263 4.55 1.62 -16.05
CA ALA A 263 5.18 2.56 -16.98
C ALA A 263 6.70 2.46 -16.94
N GLU A 264 7.25 2.23 -15.75
CA GLU A 264 8.71 2.08 -15.64
C GLU A 264 9.18 0.71 -16.11
N VAL A 265 8.36 -0.33 -15.92
CA VAL A 265 8.66 -1.64 -16.49
C VAL A 265 8.81 -1.52 -18.00
N ILE A 266 7.85 -0.85 -18.65
CA ILE A 266 7.91 -0.68 -20.10
C ILE A 266 9.15 0.10 -20.50
N GLU A 267 9.42 1.22 -19.82
CA GLU A 267 10.56 2.05 -20.17
C GLU A 267 11.89 1.34 -19.88
N ASN A 268 11.94 0.51 -18.84
CA ASN A 268 13.15 -0.26 -18.57
C ASN A 268 13.43 -1.24 -19.70
N LEU A 269 12.41 -1.96 -20.15
CA LEU A 269 12.59 -2.91 -21.26
C LEU A 269 12.97 -2.19 -22.55
N GLU A 270 12.47 -0.97 -22.75
CA GLU A 270 12.84 -0.21 -23.94
C GLU A 270 14.30 0.23 -23.88
N CYS A 271 14.79 0.58 -22.69
CA CYS A 271 16.18 0.99 -22.54
C CYS A 271 17.13 -0.20 -22.53
N ASP A 272 16.72 -1.33 -21.97
CA ASP A 272 17.57 -2.52 -21.91
C ASP A 272 16.73 -3.78 -22.10
N PRO A 273 16.91 -4.49 -23.22
CA PRO A 273 16.08 -5.69 -23.46
C PRO A 273 16.24 -6.77 -22.41
N ARG A 274 17.41 -6.90 -21.78
CA ARG A 274 17.65 -7.91 -20.77
C ARG A 274 17.57 -7.34 -19.36
N HIS A 275 16.79 -6.28 -19.17
CA HIS A 275 16.77 -5.59 -17.88
C HIS A 275 16.36 -6.52 -16.75
N TYR A 276 15.21 -7.18 -16.89
CA TYR A 276 14.68 -8.00 -15.79
C TYR A 276 15.26 -9.41 -15.77
N GLN A 277 16.17 -9.74 -16.68
CA GLN A 277 16.94 -10.98 -16.56
C GLN A 277 18.25 -10.79 -15.81
N GLN A 278 18.82 -9.59 -15.86
CA GLN A 278 20.13 -9.34 -15.28
C GLN A 278 20.12 -8.45 -14.05
N ARG A 279 19.19 -7.50 -13.96
CA ARG A 279 19.20 -6.55 -12.85
C ARG A 279 18.76 -7.22 -11.55
N THR A 280 19.17 -6.61 -10.44
CA THR A 280 18.88 -7.12 -9.11
C THR A 280 17.55 -6.59 -8.62
N LEU A 281 16.70 -7.50 -8.14
CA LEU A 281 15.39 -7.13 -7.61
C LEU A 281 15.37 -7.33 -6.11
N THR A 282 14.75 -6.38 -5.40
CA THR A 282 14.69 -6.38 -3.95
C THR A 282 13.26 -6.67 -3.51
N PHE A 283 13.09 -7.63 -2.62
CA PHE A 283 11.76 -7.97 -2.13
C PHE A 283 11.87 -8.54 -0.72
N ALA A 284 10.72 -8.72 -0.08
CA ALA A 284 10.66 -9.16 1.30
C ALA A 284 10.14 -10.58 1.39
N LEU A 285 10.64 -11.32 2.38
CA LEU A 285 10.25 -12.70 2.61
C LEU A 285 10.01 -12.90 4.10
N ARG A 286 9.18 -13.89 4.42
CA ARG A 286 9.02 -14.31 5.80
C ARG A 286 10.35 -14.80 6.36
N ALA A 287 10.59 -14.54 7.64
CA ALA A 287 11.86 -14.89 8.26
C ALA A 287 12.11 -16.40 8.22
N ASP A 288 11.05 -17.20 8.30
CA ASP A 288 11.17 -18.65 8.29
C ASP A 288 11.00 -19.25 6.90
N ASP A 289 10.89 -18.42 5.87
CA ASP A 289 10.75 -18.92 4.50
C ASP A 289 12.04 -19.62 4.10
N PRO A 290 11.99 -20.89 3.70
CA PRO A 290 13.21 -21.57 3.26
C PRO A 290 13.86 -20.94 2.04
N LEU A 291 13.10 -20.22 1.21
CA LEU A 291 13.72 -19.50 0.10
C LEU A 291 14.68 -18.43 0.59
N LEU A 292 14.34 -17.76 1.70
CA LEU A 292 15.22 -16.75 2.27
C LEU A 292 16.54 -17.38 2.71
N LYS A 293 16.47 -18.54 3.36
CA LYS A 293 17.69 -19.22 3.79
C LYS A 293 18.54 -19.64 2.60
N LEU A 294 17.90 -20.13 1.54
CA LEU A 294 18.65 -20.55 0.36
C LEU A 294 19.36 -19.37 -0.29
N LEU A 295 18.69 -18.22 -0.38
CA LEU A 295 19.31 -17.04 -0.96
C LEU A 295 20.40 -16.49 -0.05
N GLN A 296 20.17 -16.50 1.26
CA GLN A 296 21.16 -15.96 2.19
C GLN A 296 22.44 -16.81 2.21
N GLU A 297 22.30 -18.13 2.09
CA GLU A 297 23.47 -19.00 2.16
C GLU A 297 24.26 -18.98 0.85
N ALA A 298 23.59 -18.81 -0.29
CA ALA A 298 24.31 -18.65 -1.54
C ALA A 298 25.05 -17.32 -1.59
N GLN A 299 24.47 -16.28 -0.99
CA GLN A 299 25.16 -15.00 -0.87
C GLN A 299 26.20 -14.99 0.23
N GLN A 300 26.18 -16.00 1.12
CA GLN A 300 27.17 -16.17 2.18
C GLN A 300 27.25 -14.95 3.09
N VAL B 4 -26.79 10.72 24.90
CA VAL B 4 -27.18 9.64 24.01
C VAL B 4 -27.40 10.18 22.61
N ARG B 5 -27.48 11.49 22.48
CA ARG B 5 -27.63 12.16 21.20
C ARG B 5 -26.45 13.08 20.96
N LEU B 6 -26.32 13.54 19.70
CA LEU B 6 -25.25 14.45 19.35
C LEU B 6 -25.50 15.82 19.98
N PRO B 7 -24.42 16.56 20.30
CA PRO B 7 -24.59 17.86 20.96
C PRO B 7 -25.06 18.97 20.02
N PHE B 8 -25.67 18.59 18.90
CA PHE B 8 -26.20 19.55 17.94
C PHE B 8 -27.37 18.92 17.21
N SER B 9 -28.06 19.75 16.42
CA SER B 9 -29.18 19.31 15.60
C SER B 9 -28.84 19.50 14.13
N GLY B 10 -29.09 18.47 13.33
CA GLY B 10 -28.81 18.51 11.91
C GLY B 10 -27.33 18.37 11.61
N PHE B 11 -27.04 17.98 10.36
CA PHE B 11 -25.67 17.81 9.92
C PHE B 11 -25.65 17.89 8.40
N ARG B 12 -25.22 19.04 7.87
CA ARG B 12 -24.94 19.19 6.45
C ARG B 12 -23.43 19.05 6.25
N LEU B 13 -23.03 18.07 5.46
CA LEU B 13 -21.61 17.81 5.24
C LEU B 13 -21.01 18.92 4.39
N GLN B 14 -20.08 19.68 4.98
CA GLN B 14 -19.40 20.73 4.23
C GLN B 14 -18.33 20.14 3.33
N LYS B 15 -17.49 19.26 3.88
CA LYS B 15 -16.47 18.58 3.08
C LYS B 15 -15.92 17.40 3.88
N VAL B 16 -15.35 16.45 3.14
CA VAL B 16 -14.56 15.38 3.76
C VAL B 16 -13.18 15.95 4.06
N LEU B 17 -12.82 16.02 5.34
CA LEU B 17 -11.51 16.53 5.71
C LEU B 17 -10.42 15.58 5.25
N ARG B 18 -10.56 14.29 5.57
CA ARG B 18 -9.65 13.27 5.07
C ARG B 18 -10.33 11.91 5.23
N GLU B 19 -9.83 10.94 4.46
CA GLU B 19 -10.37 9.58 4.51
C GLU B 19 -9.23 8.60 4.27
N SER B 20 -9.39 7.41 4.82
CA SER B 20 -8.47 6.30 4.58
C SER B 20 -9.30 5.03 4.45
N ALA B 21 -9.43 4.53 3.22
CA ALA B 21 -10.09 3.25 3.03
C ALA B 21 -9.26 2.12 3.63
N ARG B 22 -7.94 2.25 3.64
CA ARG B 22 -7.08 1.23 4.24
C ARG B 22 -7.32 1.13 5.74
N ASP B 23 -7.46 2.27 6.42
CA ASP B 23 -7.66 2.29 7.87
C ASP B 23 -9.13 2.29 8.26
N LYS B 24 -10.05 2.34 7.30
CA LYS B 24 -11.49 2.40 7.56
C LYS B 24 -11.82 3.53 8.53
N ILE B 25 -11.41 4.74 8.14
CA ILE B 25 -11.62 5.92 8.95
C ILE B 25 -11.99 7.07 8.02
N ILE B 26 -12.79 8.00 8.54
CA ILE B 26 -13.20 9.16 7.77
C ILE B 26 -13.35 10.34 8.71
N PHE B 27 -12.92 11.52 8.25
CA PHE B 27 -12.97 12.76 9.01
C PHE B 27 -13.90 13.72 8.28
N LEU B 28 -14.99 14.10 8.93
CA LEU B 28 -16.05 14.88 8.31
C LEU B 28 -16.15 16.26 8.92
N HIS B 29 -16.27 17.28 8.08
CA HIS B 29 -16.57 18.64 8.51
C HIS B 29 -18.03 18.93 8.19
N GLY B 30 -18.82 19.19 9.21
CA GLY B 30 -20.25 19.41 9.04
C GLY B 30 -20.68 20.77 9.56
N LYS B 31 -21.77 21.28 8.97
CA LYS B 31 -22.42 22.49 9.46
C LYS B 31 -23.67 22.06 10.22
N VAL B 32 -23.78 22.52 11.47
CA VAL B 32 -24.83 22.06 12.36
C VAL B 32 -25.66 23.26 12.83
N ASN B 33 -26.85 22.94 13.36
CA ASN B 33 -27.79 23.94 13.89
C ASN B 33 -28.16 24.97 12.83
N GLU B 34 -28.56 24.49 11.65
CA GLU B 34 -28.99 25.36 10.58
C GLU B 34 -30.51 25.40 10.48
N GLY B 41 -24.40 28.35 9.91
CA GLY B 41 -24.33 27.18 10.76
C GLY B 41 -23.03 27.05 11.50
N GLU B 42 -23.04 26.31 12.60
CA GLU B 42 -21.86 26.09 13.42
C GLU B 42 -21.04 24.93 12.88
N ASP B 43 -19.74 24.97 13.14
CA ASP B 43 -18.81 23.97 12.62
C ASP B 43 -18.67 22.81 13.61
N ALA B 44 -18.63 21.61 13.06
CA ALA B 44 -18.42 20.39 13.85
C ALA B 44 -17.57 19.42 13.04
N VAL B 45 -16.66 18.73 13.73
CA VAL B 45 -15.86 17.67 13.14
C VAL B 45 -16.32 16.35 13.75
N VAL B 46 -16.67 15.39 12.89
CA VAL B 46 -17.08 14.06 13.30
C VAL B 46 -16.12 13.07 12.66
N ILE B 47 -15.45 12.27 13.48
CA ILE B 47 -14.53 11.24 13.02
C ILE B 47 -15.17 9.89 13.30
N LEU B 48 -15.26 9.05 12.27
CA LEU B 48 -15.79 7.71 12.38
C LEU B 48 -14.71 6.71 11.99
N GLU B 49 -14.55 5.66 12.81
CA GLU B 49 -13.58 4.61 12.55
C GLU B 49 -14.20 3.26 12.84
N LYS B 50 -14.06 2.31 11.90
CA LYS B 50 -14.48 0.95 12.17
C LYS B 50 -13.62 0.37 13.30
N THR B 51 -14.18 -0.64 13.99
CA THR B 51 -13.45 -1.13 15.14
C THR B 51 -12.72 -2.43 14.81
N PRO B 52 -11.61 -2.71 15.52
CA PRO B 52 -10.91 -3.98 15.31
C PRO B 52 -11.75 -5.16 15.74
N PHE B 53 -11.44 -6.32 15.17
CA PHE B 53 -12.15 -7.54 15.48
C PHE B 53 -11.74 -8.08 16.85
N GLN B 54 -12.72 -8.62 17.58
CA GLN B 54 -12.48 -9.33 18.82
C GLN B 54 -12.54 -10.83 18.54
N VAL B 55 -11.46 -11.54 18.85
CA VAL B 55 -11.34 -12.95 18.47
C VAL B 55 -12.51 -13.76 19.02
N GLU B 56 -12.88 -13.52 20.29
CA GLU B 56 -13.96 -14.30 20.88
C GLU B 56 -15.29 -14.03 20.17
N GLN B 57 -15.56 -12.77 19.82
CA GLN B 57 -16.80 -12.45 19.11
C GLN B 57 -16.78 -13.04 17.71
N VAL B 58 -15.62 -13.04 17.06
CA VAL B 58 -15.51 -13.62 15.72
C VAL B 58 -15.69 -15.13 15.77
N ALA B 59 -15.09 -15.79 16.76
CA ALA B 59 -15.22 -17.23 16.86
C ALA B 59 -16.66 -17.64 17.16
N GLN B 60 -17.31 -16.94 18.10
CA GLN B 60 -18.68 -17.30 18.45
C GLN B 60 -19.61 -17.13 17.26
N LEU B 61 -19.38 -16.10 16.44
CA LEU B 61 -20.26 -15.85 15.30
C LEU B 61 -20.05 -16.87 14.19
N LEU B 62 -18.79 -17.16 13.85
CA LEU B 62 -18.52 -18.03 12.70
C LEU B 62 -18.84 -19.49 12.99
N THR B 63 -18.85 -19.91 14.25
CA THR B 63 -19.16 -21.29 14.58
C THR B 63 -20.66 -21.58 14.65
N GLY B 64 -21.52 -20.58 14.40
CA GLY B 64 -22.95 -20.79 14.57
C GLY B 64 -23.84 -20.18 13.52
N SER B 65 -23.63 -20.54 12.26
CA SER B 65 -24.50 -20.15 11.14
C SER B 65 -24.68 -18.64 11.04
N PRO B 66 -23.65 -17.89 10.66
CA PRO B 66 -23.83 -16.44 10.49
C PRO B 66 -24.59 -16.12 9.22
N GLU B 67 -25.08 -14.88 9.16
CA GLU B 67 -25.80 -14.39 7.98
C GLU B 67 -24.81 -13.93 6.93
N LEU B 68 -24.81 -14.61 5.78
CA LEU B 68 -23.87 -14.36 4.70
C LEU B 68 -24.60 -14.28 3.37
N GLN B 69 -24.03 -13.54 2.44
CA GLN B 69 -24.52 -13.47 1.06
C GLN B 69 -23.33 -13.66 0.13
N LEU B 70 -23.36 -14.73 -0.66
CA LEU B 70 -22.26 -15.03 -1.57
C LEU B 70 -22.17 -13.98 -2.66
N GLN B 71 -20.99 -13.40 -2.83
CA GLN B 71 -20.77 -12.48 -3.94
C GLN B 71 -20.40 -13.25 -5.20
N PHE B 72 -19.32 -14.03 -5.15
CA PHE B 72 -18.90 -14.88 -6.26
C PHE B 72 -17.89 -15.88 -5.73
N SER B 73 -17.64 -16.91 -6.54
CA SER B 73 -16.64 -17.91 -6.23
C SER B 73 -15.78 -18.15 -7.47
N ASN B 74 -14.58 -18.68 -7.23
CA ASN B 74 -13.64 -18.98 -8.31
C ASN B 74 -12.67 -20.03 -7.78
N ASP B 75 -12.81 -21.27 -8.24
CA ASP B 75 -11.97 -22.39 -7.82
C ASP B 75 -12.10 -22.53 -6.31
N ILE B 76 -11.02 -22.43 -5.53
CA ILE B 76 -11.10 -22.58 -4.09
C ILE B 76 -11.36 -21.27 -3.37
N TYR B 77 -11.59 -20.18 -4.11
CA TYR B 77 -11.77 -18.86 -3.54
C TYR B 77 -13.21 -18.41 -3.67
N SER B 78 -13.70 -17.71 -2.66
CA SER B 78 -15.05 -17.15 -2.70
C SER B 78 -15.12 -15.98 -1.74
N THR B 79 -15.91 -14.98 -2.11
CA THR B 79 -16.10 -13.79 -1.28
C THR B 79 -17.55 -13.66 -0.89
N TYR B 80 -17.79 -13.19 0.34
CA TYR B 80 -19.12 -13.05 0.90
C TYR B 80 -19.27 -11.67 1.51
N HIS B 81 -20.53 -11.27 1.69
CA HIS B 81 -20.88 -10.16 2.57
C HIS B 81 -21.39 -10.74 3.87
N LEU B 82 -20.73 -10.43 4.97
CA LEU B 82 -21.11 -10.90 6.30
C LEU B 82 -21.83 -9.79 7.06
N PHE B 83 -23.01 -10.11 7.59
CA PHE B 83 -23.81 -9.17 8.36
C PHE B 83 -23.79 -9.60 9.82
N PRO B 84 -22.89 -9.08 10.64
CA PRO B 84 -22.73 -9.57 12.01
C PRO B 84 -23.80 -8.99 12.92
N PRO B 85 -24.00 -9.58 14.10
CA PRO B 85 -24.89 -8.98 15.09
C PRO B 85 -24.40 -7.60 15.52
N ARG B 86 -25.24 -6.94 16.32
CA ARG B 86 -24.95 -5.57 16.73
C ARG B 86 -23.66 -5.48 17.55
N GLN B 87 -23.29 -6.57 18.25
CA GLN B 87 -22.11 -6.53 19.10
C GLN B 87 -20.82 -6.31 18.33
N LEU B 88 -20.80 -6.62 17.03
CA LEU B 88 -19.58 -6.50 16.23
C LEU B 88 -19.60 -5.31 15.28
N ASN B 89 -20.65 -4.49 15.30
CA ASN B 89 -20.77 -3.37 14.39
C ASN B 89 -20.34 -2.04 15.00
N ASP B 90 -19.70 -2.07 16.17
CA ASP B 90 -19.35 -0.84 16.86
C ASP B 90 -18.49 0.06 15.98
N VAL B 91 -18.80 1.36 15.98
CA VAL B 91 -18.06 2.36 15.22
C VAL B 91 -17.61 3.44 16.18
N LYS B 92 -16.29 3.58 16.32
CA LYS B 92 -15.74 4.60 17.20
C LYS B 92 -16.01 5.99 16.61
N THR B 93 -16.73 6.81 17.37
CA THR B 93 -17.20 8.12 16.90
C THR B 93 -16.62 9.21 17.78
N THR B 94 -15.84 10.10 17.18
CA THR B 94 -15.25 11.24 17.87
C THR B 94 -15.87 12.52 17.34
N VAL B 95 -16.31 13.39 18.25
CA VAL B 95 -16.97 14.63 17.90
C VAL B 95 -16.19 15.80 18.48
N VAL B 96 -15.95 16.82 17.68
CA VAL B 96 -15.41 18.10 18.12
C VAL B 96 -16.47 19.15 17.84
N TYR B 97 -17.09 19.66 18.90
CA TYR B 97 -18.12 20.68 18.75
C TYR B 97 -18.10 21.65 19.92
N PRO B 98 -18.06 22.97 19.63
CA PRO B 98 -17.92 23.51 18.28
C PRO B 98 -16.48 23.41 17.76
N ALA B 99 -16.32 23.12 16.48
CA ALA B 99 -15.00 22.98 15.88
C ALA B 99 -14.51 24.33 15.37
N THR B 100 -13.21 24.54 15.48
CA THR B 100 -12.59 25.78 15.08
C THR B 100 -11.90 25.64 13.73
N GLU B 101 -11.50 26.78 13.17
CA GLU B 101 -10.73 26.79 11.93
C GLU B 101 -9.42 26.02 12.11
N LYS B 102 -8.83 26.08 13.30
CA LYS B 102 -7.59 25.36 13.53
C LYS B 102 -7.80 23.85 13.51
N HIS B 103 -8.95 23.39 14.03
CA HIS B 103 -9.29 21.98 13.93
C HIS B 103 -9.42 21.54 12.48
N LEU B 104 -10.03 22.38 11.65
CA LEU B 104 -10.22 22.03 10.24
C LEU B 104 -8.88 21.96 9.51
N GLN B 105 -7.97 22.88 9.81
CA GLN B 105 -6.65 22.85 9.20
C GLN B 105 -5.84 21.64 9.65
N LYS B 106 -6.09 21.17 10.89
CA LYS B 106 -5.35 20.01 11.41
C LYS B 106 -5.70 18.74 10.65
N TYR B 107 -6.97 18.59 10.27
CA TYR B 107 -7.45 17.34 9.70
C TYR B 107 -7.51 17.34 8.18
N LEU B 108 -7.58 18.50 7.54
CA LEU B 108 -7.84 18.55 6.11
C LEU B 108 -6.65 18.02 5.31
N ARG B 109 -6.94 17.23 4.28
CA ARG B 109 -5.95 16.78 3.32
C ARG B 109 -6.53 16.93 1.92
N GLN B 110 -5.70 17.30 0.98
CA GLN B 110 -6.11 17.40 -0.42
C GLN B 110 -5.87 16.08 -1.14
N ASP B 111 -6.63 15.87 -2.21
CA ASP B 111 -6.46 14.68 -3.02
C ASP B 111 -5.10 14.70 -3.71
N LEU B 112 -4.66 13.51 -4.12
CA LEU B 112 -3.36 13.32 -4.76
C LEU B 112 -3.55 13.03 -6.24
N ARG B 113 -2.66 13.58 -7.06
CA ARG B 113 -2.67 13.36 -8.50
C ARG B 113 -1.29 12.88 -8.94
N LEU B 114 -1.28 11.88 -9.81
CA LEU B 114 -0.01 11.34 -10.30
C LEU B 114 0.47 12.16 -11.49
N ILE B 115 1.79 12.29 -11.59
CA ILE B 115 2.42 13.03 -12.68
C ILE B 115 3.77 12.37 -12.98
N ARG B 116 4.14 12.38 -14.25
CA ARG B 116 5.43 11.85 -14.70
C ARG B 116 6.26 13.00 -15.23
N GLU B 117 7.43 13.20 -14.66
CA GLU B 117 8.29 14.34 -14.95
C GLU B 117 9.52 13.85 -15.73
N THR B 118 9.60 14.20 -17.00
CA THR B 118 10.76 13.83 -17.79
C THR B 118 11.97 14.66 -17.36
N GLY B 119 13.14 14.27 -17.86
CA GLY B 119 14.34 15.05 -17.59
C GLY B 119 14.21 16.48 -18.05
N ASP B 120 13.60 16.70 -19.22
CA ASP B 120 13.38 18.04 -19.71
C ASP B 120 12.32 18.78 -18.89
N ASP B 121 11.31 18.06 -18.41
CA ASP B 121 10.31 18.68 -17.54
C ASP B 121 10.97 19.26 -16.29
N TYR B 122 11.93 18.55 -15.70
CA TYR B 122 12.57 19.04 -14.48
C TYR B 122 13.35 20.32 -14.75
N ARG B 123 14.14 20.33 -15.83
CA ARG B 123 14.98 21.49 -16.10
C ARG B 123 14.17 22.70 -16.53
N ASN B 124 13.14 22.48 -17.35
CA ASN B 124 12.37 23.57 -17.92
C ASN B 124 11.23 24.05 -17.01
N ILE B 125 10.64 23.16 -16.22
CA ILE B 125 9.43 23.51 -15.48
C ILE B 125 9.68 23.44 -13.98
N THR B 126 10.06 22.27 -13.48
CA THR B 126 10.12 22.04 -12.04
C THR B 126 11.18 22.90 -11.37
N LEU B 127 12.41 22.87 -11.90
CA LEU B 127 13.49 23.62 -11.27
C LEU B 127 13.26 25.12 -11.25
N PRO B 128 12.85 25.78 -12.34
CA PRO B 128 12.49 27.20 -12.23
C PRO B 128 11.40 27.46 -11.21
N HIS B 129 10.46 26.53 -11.03
CA HIS B 129 9.43 26.71 -10.02
C HIS B 129 10.02 26.61 -8.62
N LEU B 130 10.93 25.64 -8.40
CA LEU B 130 11.55 25.50 -7.09
C LEU B 130 12.36 26.75 -6.73
N GLU B 131 13.08 27.31 -7.71
CA GLU B 131 13.90 28.49 -7.44
C GLU B 131 13.07 29.72 -7.15
N SER B 132 11.81 29.76 -7.58
CA SER B 132 10.95 30.89 -7.33
C SER B 132 10.36 30.91 -5.92
N GLN B 133 10.62 29.89 -5.12
CA GLN B 133 10.04 29.78 -3.79
C GLN B 133 11.08 30.00 -2.72
N SER B 134 10.61 30.36 -1.53
CA SER B 134 11.46 30.53 -0.35
C SER B 134 11.38 29.24 0.46
N LEU B 135 12.26 28.30 0.13
CA LEU B 135 12.29 26.98 0.78
C LEU B 135 13.48 26.96 1.74
N SER B 136 13.20 27.19 3.01
CA SER B 136 14.26 27.27 4.02
C SER B 136 14.63 25.87 4.51
N ILE B 137 15.93 25.58 4.49
CA ILE B 137 16.46 24.34 5.06
C ILE B 137 17.46 24.71 6.16
N GLN B 138 17.20 25.81 6.85
CA GLN B 138 18.09 26.23 7.93
C GLN B 138 18.15 25.20 9.04
N TRP B 139 17.02 24.55 9.33
CA TRP B 139 17.01 23.52 10.35
C TRP B 139 17.91 22.34 9.97
N VAL B 140 18.07 22.10 8.67
CA VAL B 140 19.02 21.08 8.21
C VAL B 140 20.45 21.51 8.52
N TYR B 141 20.77 22.77 8.20
CA TYR B 141 22.12 23.27 8.45
C TYR B 141 22.44 23.28 9.94
N ASN B 142 21.44 23.56 10.79
CA ASN B 142 21.68 23.58 12.23
C ASN B 142 22.09 22.21 12.74
N ILE B 143 21.50 21.15 12.18
CA ILE B 143 21.89 19.80 12.59
C ILE B 143 23.30 19.49 12.12
N LEU B 144 23.61 19.79 10.86
CA LEU B 144 24.94 19.52 10.33
C LEU B 144 25.99 20.34 11.07
N ASP B 145 25.70 21.60 11.36
CA ASP B 145 26.63 22.48 12.06
C ASP B 145 26.61 22.28 13.58
N LYS B 146 25.82 21.32 14.08
CA LYS B 146 25.75 21.01 15.51
C LYS B 146 25.27 22.19 16.34
N LYS B 147 24.42 23.04 15.76
CA LYS B 147 23.84 24.15 16.48
C LYS B 147 22.43 23.86 16.96
N ALA B 148 21.90 22.68 16.66
CA ALA B 148 20.59 22.24 17.13
C ALA B 148 20.49 20.73 16.98
N GLU B 149 19.80 20.10 17.92
CA GLU B 149 19.53 18.66 17.91
C GLU B 149 20.81 17.82 17.93
N ALA B 150 21.91 18.36 18.44
CA ALA B 150 23.15 17.59 18.50
C ALA B 150 23.03 16.38 19.41
N ASP B 151 22.20 16.47 20.45
CA ASP B 151 22.01 15.35 21.37
C ASP B 151 21.20 14.22 20.75
N ARG B 152 20.58 14.44 19.59
CA ARG B 152 19.78 13.42 18.93
C ARG B 152 20.57 12.61 17.90
N ILE B 153 21.79 13.02 17.57
CA ILE B 153 22.58 12.34 16.56
C ILE B 153 22.97 10.95 17.04
N VAL B 154 22.63 9.93 16.25
CA VAL B 154 23.01 8.56 16.55
C VAL B 154 24.39 8.22 15.98
N PHE B 155 24.71 8.74 14.80
CA PHE B 155 25.97 8.45 14.14
C PHE B 155 26.30 9.57 13.18
N GLU B 156 27.59 9.85 13.03
CA GLU B 156 28.05 10.85 12.08
C GLU B 156 29.33 10.39 11.40
N ASN B 157 29.32 10.45 10.07
CA ASN B 157 30.55 10.48 9.29
C ASN B 157 30.85 11.95 9.03
N PRO B 158 31.88 12.54 9.65
CA PRO B 158 32.09 13.98 9.57
C PRO B 158 32.68 14.48 8.26
N ASP B 159 32.88 13.62 7.26
CA ASP B 159 33.51 14.04 6.03
C ASP B 159 32.65 15.09 5.33
N PRO B 160 33.23 16.22 4.89
CA PRO B 160 32.40 17.28 4.30
C PRO B 160 31.82 16.91 2.94
N SER B 161 32.40 15.96 2.22
CA SER B 161 31.89 15.53 0.92
C SER B 161 31.18 14.19 0.96
N ASP B 162 31.72 13.21 1.69
CA ASP B 162 31.17 11.86 1.71
C ASP B 162 30.47 11.51 3.02
N GLY B 163 30.39 12.45 3.96
CA GLY B 163 29.83 12.17 5.27
C GLY B 163 28.36 12.53 5.39
N PHE B 164 27.83 12.27 6.57
CA PHE B 164 26.41 12.45 6.84
C PHE B 164 26.17 12.36 8.33
N VAL B 165 24.98 12.75 8.75
CA VAL B 165 24.52 12.62 10.13
C VAL B 165 23.27 11.76 10.12
N LEU B 166 23.24 10.74 10.97
CA LEU B 166 22.08 9.88 11.13
C LEU B 166 21.30 10.33 12.36
N ILE B 167 20.01 10.60 12.19
CA ILE B 167 19.19 11.16 13.25
C ILE B 167 17.81 10.51 13.22
N PRO B 168 17.24 10.16 14.37
CA PRO B 168 15.90 9.58 14.37
C PRO B 168 14.85 10.58 13.92
N ASP B 169 13.78 10.04 13.34
CA ASP B 169 12.66 10.88 12.90
C ASP B 169 11.99 11.52 14.11
N LEU B 170 11.48 12.74 13.91
CA LEU B 170 10.88 13.48 15.01
C LEU B 170 9.67 12.75 15.58
N LYS B 171 8.96 11.99 14.76
CA LYS B 171 7.77 11.27 15.18
C LYS B 171 8.07 9.89 15.75
N TRP B 172 9.34 9.53 15.90
CA TRP B 172 9.74 8.27 16.51
C TRP B 172 10.31 8.55 17.89
N ASN B 173 9.65 8.05 18.93
CA ASN B 173 10.10 8.29 20.30
C ASN B 173 11.19 7.30 20.74
N GLN B 174 11.57 6.36 19.88
CA GLN B 174 12.65 5.41 20.13
C GLN B 174 12.37 4.48 21.31
N GLN B 175 11.11 4.39 21.75
CA GLN B 175 10.75 3.51 22.85
C GLN B 175 10.42 2.10 22.39
N GLN B 176 10.51 1.82 21.09
CA GLN B 176 10.29 0.49 20.52
C GLN B 176 10.80 0.50 19.09
N LEU B 177 11.11 -0.68 18.58
CA LEU B 177 11.68 -0.81 17.24
C LEU B 177 10.64 -1.06 16.16
N ASP B 178 9.37 -1.27 16.53
CA ASP B 178 8.34 -1.54 15.53
C ASP B 178 8.23 -0.42 14.51
N ASP B 179 8.33 0.83 14.95
CA ASP B 179 8.22 1.99 14.08
C ASP B 179 9.56 2.71 13.96
N LEU B 180 10.64 1.94 13.90
CA LEU B 180 11.97 2.52 13.75
C LEU B 180 12.03 3.38 12.50
N TYR B 181 12.55 4.60 12.65
CA TYR B 181 12.60 5.55 11.54
C TYR B 181 13.73 6.53 11.83
N LEU B 182 14.80 6.45 11.03
CA LEU B 182 15.91 7.38 11.12
C LEU B 182 16.14 8.02 9.76
N ILE B 183 16.82 9.16 9.77
CA ILE B 183 17.10 9.92 8.56
C ILE B 183 18.60 10.21 8.51
N ALA B 184 19.20 10.01 7.34
CA ALA B 184 20.60 10.33 7.10
C ALA B 184 20.68 11.58 6.24
N ILE B 185 21.25 12.65 6.78
CA ILE B 185 21.39 13.92 6.08
C ILE B 185 22.86 14.09 5.71
N CYS B 186 23.13 14.26 4.42
CA CYS B 186 24.51 14.38 3.96
C CYS B 186 25.10 15.72 4.35
N HIS B 187 26.42 15.74 4.55
CA HIS B 187 27.08 16.99 4.89
C HIS B 187 27.28 17.89 3.68
N ARG B 188 27.48 17.31 2.50
CA ARG B 188 27.69 18.10 1.30
C ARG B 188 26.47 18.94 0.99
N ARG B 189 26.70 20.19 0.57
CA ARG B 189 25.64 21.14 0.29
C ARG B 189 25.37 21.22 -1.21
N GLY B 190 24.14 21.57 -1.55
CA GLY B 190 23.77 21.81 -2.93
C GLY B 190 23.15 20.64 -3.66
N ILE B 191 23.01 19.48 -3.01
CA ILE B 191 22.36 18.32 -3.62
C ILE B 191 20.87 18.43 -3.30
N ARG B 192 20.10 18.94 -4.27
CA ARG B 192 18.67 19.16 -4.03
CA ARG B 192 18.67 19.16 -4.03
C ARG B 192 17.93 17.85 -3.85
N SER B 193 18.15 16.89 -4.74
CA SER B 193 17.37 15.66 -4.74
C SER B 193 18.08 14.63 -5.61
N LEU B 194 17.34 13.58 -6.01
CA LEU B 194 17.87 12.60 -6.95
C LEU B 194 18.35 13.24 -8.24
N ARG B 195 17.72 14.33 -8.66
CA ARG B 195 18.04 14.97 -9.93
C ARG B 195 19.48 15.46 -9.99
N ASP B 196 20.10 15.76 -8.86
CA ASP B 196 21.47 16.24 -8.83
C ASP B 196 22.51 15.14 -8.67
N LEU B 197 22.10 13.88 -8.61
CA LEU B 197 23.03 12.79 -8.32
C LEU B 197 23.82 12.39 -9.55
N THR B 198 25.12 12.21 -9.37
CA THR B 198 26.05 11.70 -10.38
C THR B 198 26.89 10.61 -9.73
N PRO B 199 27.66 9.86 -10.52
CA PRO B 199 28.58 8.88 -9.91
C PRO B 199 29.57 9.48 -8.92
N GLU B 200 29.79 10.79 -8.95
CA GLU B 200 30.69 11.41 -7.98
C GLU B 200 30.13 11.35 -6.57
N HIS B 201 28.83 11.10 -6.42
CA HIS B 201 28.22 10.94 -5.10
C HIS B 201 28.15 9.48 -4.65
N LEU B 202 28.67 8.55 -5.46
CA LEU B 202 28.65 7.15 -5.07
C LEU B 202 29.39 6.87 -3.76
N PRO B 203 30.56 7.46 -3.48
CA PRO B 203 31.14 7.27 -2.13
C PRO B 203 30.21 7.73 -1.02
N LEU B 204 29.53 8.87 -1.20
CA LEU B 204 28.58 9.34 -0.20
C LEU B 204 27.43 8.36 -0.04
N LEU B 205 26.83 7.94 -1.15
CA LEU B 205 25.67 7.06 -1.09
C LEU B 205 26.03 5.70 -0.50
N ARG B 206 27.20 5.17 -0.87
CA ARG B 206 27.64 3.90 -0.30
C ARG B 206 27.92 4.04 1.20
N ASN B 207 28.50 5.17 1.61
CA ASN B 207 28.72 5.41 3.03
C ASN B 207 27.41 5.43 3.80
N ILE B 208 26.41 6.14 3.27
CA ILE B 208 25.11 6.19 3.93
C ILE B 208 24.51 4.79 4.05
N LEU B 209 24.60 4.00 2.98
CA LEU B 209 24.01 2.66 3.00
C LEU B 209 24.73 1.76 4.00
N HIS B 210 26.05 1.68 3.92
CA HIS B 210 26.78 0.72 4.74
C HIS B 210 26.99 1.23 6.16
N GLN B 211 27.54 2.45 6.32
CA GLN B 211 27.72 2.99 7.66
C GLN B 211 26.40 3.20 8.37
N GLY B 212 25.35 3.57 7.62
CA GLY B 212 24.05 3.76 8.23
C GLY B 212 23.47 2.46 8.78
N GLN B 213 23.53 1.40 7.98
CA GLN B 213 23.02 0.10 8.45
C GLN B 213 23.84 -0.41 9.62
N GLU B 214 25.16 -0.25 9.57
CA GLU B 214 26.01 -0.72 10.67
C GLU B 214 25.73 0.05 11.95
N ALA B 215 25.51 1.36 11.86
CA ALA B 215 25.21 2.15 13.04
C ALA B 215 23.88 1.73 13.66
N ILE B 216 22.89 1.42 12.82
CA ILE B 216 21.60 0.96 13.32
C ILE B 216 21.73 -0.42 13.96
N LEU B 217 22.61 -1.26 13.41
CA LEU B 217 22.88 -2.55 14.05
C LEU B 217 23.56 -2.37 15.40
N GLN B 218 24.52 -1.45 15.49
CA GLN B 218 25.24 -1.26 16.74
C GLN B 218 24.35 -0.62 17.80
N ARG B 219 23.51 0.35 17.41
CA ARG B 219 22.70 1.09 18.36
C ARG B 219 21.38 0.39 18.68
N TYR B 220 20.71 -0.18 17.68
CA TYR B 220 19.38 -0.76 17.88
C TYR B 220 19.35 -2.28 17.75
N ARG B 221 20.50 -2.92 17.54
CA ARG B 221 20.59 -4.38 17.43
C ARG B 221 19.64 -4.90 16.35
N MET B 222 19.60 -4.19 15.23
CA MET B 222 18.71 -4.51 14.11
C MET B 222 19.56 -4.54 12.84
N LYS B 223 19.75 -5.73 12.28
CA LYS B 223 20.62 -5.87 11.11
C LYS B 223 19.91 -5.37 9.85
N GLY B 224 20.68 -5.31 8.76
CA GLY B 224 20.25 -4.59 7.57
C GLY B 224 18.98 -5.12 6.93
N ASP B 225 18.77 -6.44 6.98
CA ASP B 225 17.63 -7.01 6.29
C ASP B 225 16.31 -6.79 7.03
N HIS B 226 16.33 -6.12 8.18
CA HIS B 226 15.12 -5.63 8.82
C HIS B 226 14.70 -4.26 8.32
N LEU B 227 15.47 -3.65 7.42
CA LEU B 227 15.36 -2.23 7.12
C LEU B 227 14.95 -1.99 5.67
N ARG B 228 14.19 -0.92 5.47
CA ARG B 228 13.85 -0.38 4.17
C ARG B 228 14.55 0.96 4.03
N VAL B 229 15.53 1.04 3.15
CA VAL B 229 16.39 2.22 3.00
C VAL B 229 16.11 2.84 1.65
N TYR B 230 15.65 4.09 1.63
CA TYR B 230 15.15 4.69 0.41
C TYR B 230 15.19 6.21 0.50
N LEU B 231 15.03 6.84 -0.65
CA LEU B 231 14.91 8.29 -0.77
C LEU B 231 13.53 8.65 -1.29
N HIS B 232 13.15 9.91 -1.08
CA HIS B 232 11.86 10.43 -1.51
C HIS B 232 12.02 11.24 -2.79
N TYR B 233 11.07 11.06 -3.71
CA TYR B 233 10.90 11.99 -4.81
C TYR B 233 9.41 12.14 -5.12
N LEU B 234 8.87 13.35 -4.98
CA LEU B 234 9.62 14.53 -4.54
C LEU B 234 9.91 14.50 -3.03
N PRO B 235 11.08 15.01 -2.64
CA PRO B 235 11.37 15.13 -1.22
C PRO B 235 10.62 16.29 -0.60
N SER B 236 10.46 16.22 0.73
CA SER B 236 9.78 17.29 1.45
C SER B 236 10.66 18.54 1.57
N TYR B 237 11.98 18.36 1.53
CA TYR B 237 12.92 19.46 1.53
C TYR B 237 14.08 19.10 0.62
N TYR B 238 14.64 20.12 -0.03
CA TYR B 238 15.60 19.89 -1.11
C TYR B 238 17.03 19.97 -0.61
N HIS B 239 17.33 19.05 0.31
CA HIS B 239 18.68 18.70 0.71
C HIS B 239 18.72 17.19 0.82
N LEU B 240 19.62 16.55 0.09
CA LEU B 240 19.62 15.09 -0.04
C LEU B 240 19.59 14.42 1.33
N HIS B 241 18.64 13.51 1.51
CA HIS B 241 18.53 12.75 2.74
C HIS B 241 17.95 11.38 2.43
N VAL B 242 18.26 10.40 3.28
CA VAL B 242 17.89 9.01 3.06
C VAL B 242 17.12 8.50 4.28
N HIS B 243 16.06 7.74 4.02
CA HIS B 243 15.17 7.25 5.07
C HIS B 243 15.51 5.80 5.40
N PHE B 244 15.67 5.52 6.69
CA PHE B 244 15.87 4.17 7.21
C PHE B 244 14.64 3.81 8.03
N THR B 245 13.86 2.83 7.58
CA THR B 245 12.65 2.43 8.27
C THR B 245 12.64 0.93 8.52
N ALA B 246 12.05 0.54 9.65
CA ALA B 246 11.81 -0.87 9.91
C ALA B 246 10.90 -1.44 8.84
N LEU B 247 11.25 -2.65 8.36
CA LEU B 247 10.54 -3.23 7.23
C LEU B 247 9.07 -3.48 7.54
N GLY B 248 8.77 -3.91 8.76
CA GLY B 248 7.38 -4.13 9.15
C GLY B 248 6.57 -2.86 9.31
N PHE B 249 7.21 -1.70 9.25
CA PHE B 249 6.55 -0.40 9.41
C PHE B 249 6.27 0.18 8.04
N GLU B 250 5.01 0.11 7.61
CA GLU B 250 4.61 0.73 6.34
C GLU B 250 4.60 2.25 6.49
N ALA B 251 5.79 2.85 6.54
CA ALA B 251 5.89 4.27 6.83
C ALA B 251 5.29 5.10 5.70
N PRO B 252 4.66 6.23 6.01
CA PRO B 252 4.19 7.13 4.96
C PRO B 252 5.35 7.59 4.09
N GLY B 253 5.13 7.58 2.78
CA GLY B 253 6.18 7.89 1.84
C GLY B 253 7.00 6.70 1.37
N SER B 254 6.72 5.50 1.88
CA SER B 254 7.41 4.30 1.43
C SER B 254 6.70 3.61 0.27
N GLY B 255 5.63 4.21 -0.24
CA GLY B 255 4.96 3.64 -1.39
C GLY B 255 5.78 3.76 -2.66
N VAL B 256 5.41 2.95 -3.65
CA VAL B 256 6.16 2.92 -4.90
C VAL B 256 6.09 4.26 -5.62
N GLU B 257 5.04 5.03 -5.39
CA GLU B 257 4.91 6.32 -6.05
C GLU B 257 5.79 7.41 -5.44
N ARG B 258 6.59 7.09 -4.43
CA ARG B 258 7.48 8.11 -3.87
C ARG B 258 8.86 7.60 -3.46
N ALA B 259 9.01 6.34 -3.10
CA ALA B 259 10.25 5.84 -2.52
C ALA B 259 11.17 5.26 -3.60
N HIS B 260 12.47 5.45 -3.43
CA HIS B 260 13.50 4.93 -4.32
C HIS B 260 14.56 4.26 -3.46
N LEU B 261 14.69 2.93 -3.58
CA LEU B 261 15.65 2.19 -2.77
C LEU B 261 17.06 2.70 -3.02
N LEU B 262 17.80 2.94 -1.94
CA LEU B 262 19.15 3.49 -2.07
C LEU B 262 20.06 2.54 -2.86
N ALA B 263 19.92 1.23 -2.66
CA ALA B 263 20.74 0.29 -3.40
C ALA B 263 20.50 0.42 -4.90
N GLU B 264 19.24 0.64 -5.30
CA GLU B 264 18.95 0.79 -6.72
C GLU B 264 19.44 2.13 -7.25
N VAL B 265 19.37 3.18 -6.43
CA VAL B 265 19.94 4.47 -6.84
C VAL B 265 21.43 4.31 -7.10
N ILE B 266 22.12 3.57 -6.23
CA ILE B 266 23.56 3.35 -6.41
C ILE B 266 23.81 2.58 -7.70
N GLU B 267 23.11 1.47 -7.90
CA GLU B 267 23.36 0.65 -9.08
C GLU B 267 22.92 1.34 -10.37
N ASN B 268 21.91 2.21 -10.29
CA ASN B 268 21.52 2.97 -11.48
C ASN B 268 22.64 3.92 -11.90
N LEU B 269 23.25 4.61 -10.95
CA LEU B 269 24.38 5.49 -11.28
C LEU B 269 25.57 4.70 -11.82
N GLU B 270 25.75 3.47 -11.34
CA GLU B 270 26.84 2.64 -11.85
C GLU B 270 26.56 2.16 -13.28
N CYS B 271 25.29 1.91 -13.60
CA CYS B 271 24.93 1.48 -14.96
C CYS B 271 24.86 2.65 -15.93
N ASP B 272 24.45 3.83 -15.46
CA ASP B 272 24.33 5.00 -16.33
C ASP B 272 24.59 6.28 -15.53
N PRO B 273 25.71 6.96 -15.78
CA PRO B 273 26.03 8.18 -15.03
C PRO B 273 24.98 9.28 -15.13
N ARG B 274 24.29 9.39 -16.28
CA ARG B 274 23.29 10.42 -16.49
C ARG B 274 21.87 9.97 -16.15
N HIS B 275 21.73 8.88 -15.38
CA HIS B 275 20.43 8.26 -15.17
C HIS B 275 19.39 9.25 -14.66
N TYR B 276 19.68 9.89 -13.52
CA TYR B 276 18.66 10.72 -12.88
C TYR B 276 18.55 12.11 -13.47
N GLN B 277 19.38 12.44 -14.46
CA GLN B 277 19.16 13.65 -15.25
C GLN B 277 18.33 13.40 -16.49
N GLN B 278 18.28 12.16 -16.97
CA GLN B 278 17.61 11.82 -18.23
C GLN B 278 16.31 11.06 -18.05
N ARG B 279 16.21 10.21 -17.04
CA ARG B 279 15.05 9.33 -16.90
C ARG B 279 13.84 10.09 -16.36
N THR B 280 12.67 9.53 -16.63
CA THR B 280 11.42 10.11 -16.17
C THR B 280 11.12 9.60 -14.76
N LEU B 281 10.73 10.51 -13.87
CA LEU B 281 10.41 10.18 -12.49
C LEU B 281 8.92 10.38 -12.26
N THR B 282 8.31 9.45 -11.53
CA THR B 282 6.87 9.47 -11.25
C THR B 282 6.64 9.76 -9.78
N PHE B 283 5.68 10.64 -9.50
CA PHE B 283 5.37 11.01 -8.12
C PHE B 283 3.98 11.62 -8.07
N ALA B 284 3.49 11.80 -6.84
CA ALA B 284 2.16 12.35 -6.59
C ALA B 284 2.27 13.79 -6.09
N LEU B 285 1.35 14.63 -6.54
CA LEU B 285 1.23 16.00 -6.07
C LEU B 285 -0.19 16.24 -5.56
N ARG B 286 -0.32 17.13 -4.58
CA ARG B 286 -1.64 17.56 -4.15
C ARG B 286 -2.35 18.25 -5.32
N ALA B 287 -3.67 18.11 -5.36
CA ALA B 287 -4.44 18.60 -6.50
C ALA B 287 -4.34 20.11 -6.65
N ASP B 288 -4.10 20.82 -5.55
CA ASP B 288 -4.00 22.28 -5.57
C ASP B 288 -2.56 22.77 -5.64
N ASP B 289 -1.60 21.88 -5.88
CA ASP B 289 -0.20 22.29 -5.98
C ASP B 289 0.02 23.02 -7.29
N PRO B 290 0.49 24.28 -7.28
CA PRO B 290 0.74 24.98 -8.55
C PRO B 290 1.72 24.26 -9.47
N LEU B 291 2.65 23.48 -8.90
CA LEU B 291 3.56 22.71 -9.75
C LEU B 291 2.80 21.69 -10.60
N LEU B 292 1.71 21.15 -10.09
CA LEU B 292 0.95 20.17 -10.86
C LEU B 292 0.38 20.80 -12.12
N LYS B 293 -0.21 22.00 -12.00
CA LYS B 293 -0.74 22.68 -13.17
C LYS B 293 0.37 23.04 -14.16
N LEU B 294 1.53 23.47 -13.64
CA LEU B 294 2.64 23.82 -14.52
C LEU B 294 3.10 22.62 -15.34
N LEU B 295 3.18 21.44 -14.71
CA LEU B 295 3.59 20.25 -15.43
C LEU B 295 2.52 19.79 -16.42
N GLN B 296 1.24 19.93 -16.05
CA GLN B 296 0.18 19.50 -16.96
C GLN B 296 0.09 20.41 -18.18
N GLU B 297 0.23 21.73 -17.98
CA GLU B 297 0.20 22.65 -19.10
C GLU B 297 1.39 22.43 -20.04
N ALA B 298 2.55 22.12 -19.48
CA ALA B 298 3.73 21.89 -20.30
C ALA B 298 3.61 20.60 -21.10
N GLN B 299 2.99 19.58 -20.52
CA GLN B 299 2.84 18.29 -21.19
C GLN B 299 1.66 18.25 -22.15
N GLN B 300 0.88 19.33 -22.24
CA GLN B 300 -0.24 19.39 -23.16
C GLN B 300 0.24 19.50 -24.60
C1 AJQ C . -8.39 -12.39 -7.28
C1 AJQ C . -8.36 -12.39 -7.25
C2 AJQ C . -8.66 -13.74 -7.09
C2 AJQ C . -8.64 -13.72 -7.07
C3 AJQ C . -9.77 -14.33 -7.69
C3 AJQ C . -9.76 -14.30 -7.67
C4 AJQ C . -6.89 -13.26 -5.99
C4 AJQ C . -6.86 -13.28 -5.97
C5 AJQ C . -10.29 -12.23 -8.64
C5 AJQ C . -10.26 -12.20 -8.61
O1 AJQ C . -2.39 -7.00 5.42
O1 AJQ C . -2.39 -6.99 5.42
C6 AJQ C . -3.41 -6.82 4.69
C6 AJQ C . -3.40 -6.82 4.70
N1 AJQ C . -4.23 -5.80 4.94
N1 AJQ C . -4.24 -5.80 4.94
C7 AJQ C . -5.31 -5.60 4.17
C7 AJQ C . -5.31 -5.59 4.18
N2 AJQ C . -6.13 -4.55 4.45
N2 AJQ C . -6.13 -4.54 4.46
N3 AJQ C . -5.61 -6.42 3.14
N3 AJQ C . -5.60 -6.41 3.15
C8 AJQ C . -4.80 -7.47 2.87
C8 AJQ C . -4.80 -7.46 2.87
C9 AJQ C . -3.67 -7.68 3.64
C9 AJQ C . -3.67 -7.67 3.64
N4 AJQ C . -3.05 -8.77 3.15
N4 AJQ C . -3.05 -8.77 3.16
C10 AJQ C . -3.77 -9.22 2.10
C10 AJQ C . -3.78 -9.21 2.10
N5 AJQ C . -4.83 -8.42 1.93
N5 AJQ C . -4.84 -8.41 1.93
C11 AJQ C . -5.88 -8.56 0.88
C11 AJQ C . -5.88 -8.54 0.89
O2 AJQ C . -6.68 -9.72 1.09
O2 AJQ C . -6.68 -9.71 1.10
C12 AJQ C . -5.22 -8.73 -0.48
C12 AJQ C . -5.22 -8.70 -0.48
O3 AJQ C . -5.15 -7.46 -1.15
O3 AJQ C . -5.15 -7.43 -1.14
C13 AJQ C . -6.14 -9.67 -1.22
C13 AJQ C . -6.15 -9.64 -1.23
O4 AJQ C . -7.04 -8.92 -2.04
O4 AJQ C . -7.06 -8.89 -2.03
C14 AJQ C . -6.91 -10.41 -0.14
C14 AJQ C . -6.90 -10.40 -0.14
C15 AJQ C . -6.46 -11.85 0.02
C15 AJQ C . -6.40 -11.84 0.01
S1 AJQ C . -6.75 -12.78 -1.46
S1 AJQ C . -6.67 -12.75 -1.48
P1 AJQ C . -4.97 -13.38 -2.26
P1 AJQ C . -4.86 -13.25 -2.28
O5 AJQ C . -5.19 -14.16 -3.53
O5 AJQ C . -5.05 -14.05 -3.55
O6 AJQ C . -4.20 -14.23 -1.27
O6 AJQ C . -4.06 -14.06 -1.28
O7 AJQ C . -4.09 -12.08 -2.62
O7 AJQ C . -4.05 -11.90 -2.63
P2 AJQ C . -2.92 -11.56 -1.65
P2 AJQ C . -2.76 -11.46 -1.78
S2 AJQ C . -1.26 -12.80 -1.80
S2 AJQ C . -1.39 -13.00 -1.80
O8 AJQ C . -3.36 -11.60 -0.24
O8 AJQ C . -3.13 -11.17 -0.38
O9 AJQ C . -2.58 -10.04 -2.05
O9 AJQ C . -2.12 -10.15 -2.48
P3 AJQ C . -1.88 -9.50 -3.40
O10 AJQ C . -0.44 -9.22 -3.06
O11 AJQ C . -2.55 -8.18 -3.77
S3 AJQ C . -1.93 -10.77 -5.06
S3 AJQ C . -2.35 -11.59 -6.70
C16 AJQ C . -3.52 -11.34 -5.54
C16 AJQ C . -3.29 -10.76 -5.48
C17 AJQ C . -4.35 -10.25 -6.19
C17 AJQ C . -4.41 -10.00 -6.16
O12 AJQ C . -5.32 -10.85 -7.07
O12 AJQ C . -5.22 -10.90 -6.91
C18 AJQ C . -5.16 -9.54 -5.14
C18 AJQ C . -5.33 -9.36 -5.13
O13 AJQ C . -5.49 -8.23 -5.61
O13 AJQ C . -5.79 -8.10 -5.62
C19 AJQ C . -6.41 -10.38 -5.05
C19 AJQ C . -6.48 -10.33 -5.02
O14 AJQ C . -7.52 -9.61 -4.57
O14 AJQ C . -7.68 -9.66 -4.62
C20 AJQ C . -6.62 -10.80 -6.49
C20 AJQ C . -6.58 -10.82 -6.46
N6 AJQ C . -7.29 -12.13 -6.57
N6 AJQ C . -7.25 -12.14 -6.55
N7 AJQ C . -7.73 -14.26 -6.30
N7 AJQ C . -7.72 -14.27 -6.28
C21 AJQ C . -7.59 -15.66 -5.82
C21 AJQ C . -7.59 -15.68 -5.81
N8 AJQ C . -9.22 -11.65 -8.04
N8 AJQ C . -9.17 -11.63 -8.02
N9 AJQ C . -11.11 -11.48 -9.40
N9 AJQ C . -11.07 -11.44 -9.38
N10 AJQ C . -10.57 -13.55 -8.45
N10 AJQ C . -10.54 -13.51 -8.45
O15 AJQ C . -10.08 -15.65 -7.54
O15 AJQ C . -10.08 -15.63 -7.54
C1 AJQ D . 12.53 18.36 10.71
C2 AJQ D . 12.55 19.63 11.26
C3 AJQ D . 13.37 19.92 12.34
C4 AJQ D . 11.15 19.65 9.63
C5 AJQ D . 14.11 17.69 12.29
S3 AJQ D . 9.66 19.41 5.63
C16 AJQ D . 8.91 18.13 6.57
C17 AJQ D . 9.95 17.07 6.92
O12 AJQ D . 11.09 17.72 7.49
C18 AJQ D . 9.44 16.09 7.95
O13 AJQ D . 9.95 14.78 7.67
C19 AJQ D . 10.02 16.58 9.25
O14 AJQ D . 10.29 15.48 10.13
C20 AJQ D . 11.31 17.26 8.82
N6 AJQ D . 11.65 18.40 9.71
N7 AJQ D . 11.70 20.42 10.59
C21 AJQ D . 11.38 21.86 10.79
N8 AJQ D . 13.32 17.40 11.24
N9 AJQ D . 14.90 16.71 12.81
N10 AJQ D . 14.15 18.93 12.84
O15 AJQ D . 13.44 21.16 12.91
C1 GOL E . 17.70 -1.20 -0.55
O1 GOL E . 17.87 0.18 -0.32
C2 GOL E . 17.74 -1.95 0.78
O2 GOL E . 16.87 -1.34 1.72
C3 GOL E . 19.18 -1.93 1.29
O3 GOL E . 20.01 -2.61 0.37
C1 GOL F . -10.50 23.41 -4.04
O1 GOL F . -11.67 22.62 -4.00
C2 GOL F . -9.33 22.60 -3.49
O2 GOL F . -8.68 21.92 -4.54
C3 GOL F . -8.36 23.54 -2.81
O3 GOL F . -7.95 24.54 -3.73
C1 GOL G . -8.26 24.33 5.97
O1 GOL G . -7.38 25.06 5.16
C2 GOL G . -9.39 25.22 6.43
O2 GOL G . -9.49 26.34 5.57
C3 GOL G . -10.71 24.46 6.40
O3 GOL G . -11.14 24.30 5.07
C1 GOL H . 3.71 1.50 1.63
O1 GOL H . 4.11 0.43 2.46
C2 GOL H . 2.24 1.33 1.24
O2 GOL H . 1.61 0.41 2.10
C3 GOL H . 1.53 2.68 1.32
O3 GOL H . 1.29 3.16 0.02
C1 GOL I . 19.28 -7.10 2.48
O1 GOL I . 19.36 -8.48 2.80
C2 GOL I . 20.67 -6.48 2.62
O2 GOL I . 21.01 -5.83 1.41
C3 GOL I . 20.68 -5.47 3.77
O3 GOL I . 21.94 -4.86 3.84
#